data_6ORK
#
_entry.id   6ORK
#
_cell.length_a   61.926
_cell.length_b   103.368
_cell.length_c   122.709
_cell.angle_alpha   90.000
_cell.angle_beta   90.000
_cell.angle_gamma   90.000
#
_symmetry.space_group_name_H-M   'P 21 21 21'
#
_entity_poly.entity_id   1
_entity_poly.type   'polypeptide(L)'
_entity_poly.pdbx_seq_one_letter_code
;DNVEEGNHLYNAGKYQEALTFF(MSE)KPDAVNNPAT(MSE)NRIGY(MSE)YDEGQGVKKDPKEAFKWYKKAADANLPV
AQFNLGL(MSE)YQHGTGVSKDINESIKWFRKAAEQNDPDAE(MSE)K(MSE)GYLTATGTGVKKDYQEAIQWYQRAAEH
GDSAAYAQIGLFYTLGNGVKKDVNRAVQYYI(MSE)GAQKGDARAQAFLGKAYALGRGIQPDSEKALYWYKTAARNGNVN
A(MSE)KELGSIYAKGRLGVKPDQQEAQRWND(MSE)ARKAEQKN
;
_entity_poly.pdbx_strand_id   A,B,C
#
# COMPACT_ATOMS: atom_id res chain seq x y z
N ASP A 1 -53.23 0.31 -18.44
CA ASP A 1 -52.18 -0.68 -18.17
C ASP A 1 -52.34 -1.29 -16.79
N ASN A 2 -52.05 -2.59 -16.69
CA ASN A 2 -51.99 -3.25 -15.40
C ASN A 2 -50.62 -3.14 -14.76
N VAL A 3 -49.60 -2.74 -15.51
CA VAL A 3 -48.28 -2.48 -14.95
C VAL A 3 -48.17 -1.04 -14.46
N GLU A 4 -48.78 -0.09 -15.18
CA GLU A 4 -48.67 1.31 -14.78
C GLU A 4 -49.45 1.56 -13.50
N GLU A 5 -50.63 0.94 -13.36
CA GLU A 5 -51.31 0.95 -12.08
C GLU A 5 -50.42 0.37 -10.99
N GLY A 6 -50.01 -0.89 -11.17
CA GLY A 6 -49.13 -1.53 -10.20
C GLY A 6 -47.87 -0.74 -9.91
N ASN A 7 -47.43 0.09 -10.85
CA ASN A 7 -46.30 0.98 -10.57
C ASN A 7 -46.69 2.08 -9.59
N HIS A 8 -47.87 2.68 -9.79
CA HIS A 8 -48.33 3.74 -8.90
C HIS A 8 -48.43 3.24 -7.45
N LEU A 9 -49.01 2.04 -7.25
CA LEU A 9 -49.11 1.51 -5.90
C LEU A 9 -47.75 1.21 -5.29
N TYR A 10 -46.79 0.78 -6.12
CA TYR A 10 -45.46 0.45 -5.62
C TYR A 10 -44.67 1.71 -5.32
N ASN A 11 -44.74 2.71 -6.21
CA ASN A 11 -44.12 4.01 -5.98
C ASN A 11 -44.56 4.62 -4.67
N ALA A 12 -45.73 4.24 -4.15
CA ALA A 12 -46.28 4.77 -2.91
C ALA A 12 -46.31 3.73 -1.79
N GLY A 13 -45.37 2.78 -1.82
CA GLY A 13 -45.15 1.90 -0.70
C GLY A 13 -46.19 0.84 -0.44
N LYS A 14 -47.26 0.78 -1.23
CA LYS A 14 -48.24 -0.32 -1.11
C LYS A 14 -47.75 -1.50 -1.94
N TYR A 15 -46.68 -2.13 -1.43
CA TYR A 15 -45.93 -3.11 -2.19
C TYR A 15 -46.77 -4.34 -2.51
N GLN A 16 -47.27 -5.01 -1.46
CA GLN A 16 -48.11 -6.20 -1.68
C GLN A 16 -49.31 -5.87 -2.55
N GLU A 17 -49.94 -4.72 -2.32
CA GLU A 17 -51.03 -4.28 -3.18
C GLU A 17 -50.55 -4.14 -4.62
N ALA A 18 -49.36 -3.59 -4.82
CA ALA A 18 -48.83 -3.44 -6.17
C ALA A 18 -48.39 -4.77 -6.76
N LEU A 19 -47.97 -5.71 -5.92
CA LEU A 19 -47.41 -6.97 -6.41
C LEU A 19 -48.46 -7.78 -7.19
N THR A 20 -49.70 -7.81 -6.69
CA THR A 20 -50.74 -8.56 -7.37
C THR A 20 -50.96 -8.06 -8.79
N PHE A 21 -50.92 -6.74 -8.98
CA PHE A 21 -51.05 -6.16 -10.32
C PHE A 21 -49.95 -6.67 -11.24
N PHE A 22 -48.71 -6.70 -10.74
CA PHE A 22 -47.59 -7.16 -11.56
C PHE A 22 -47.70 -8.63 -11.92
N LYS A 24 -50.31 -10.14 -12.86
CA LYS A 24 -51.36 -10.33 -13.84
C LYS A 24 -50.76 -10.68 -15.21
N PRO A 25 -51.50 -11.43 -16.03
CA PRO A 25 -50.93 -11.96 -17.29
C PRO A 25 -50.25 -10.92 -18.16
N ASP A 26 -50.88 -9.76 -18.36
CA ASP A 26 -50.28 -8.72 -19.20
C ASP A 26 -49.03 -8.12 -18.57
N ALA A 27 -48.91 -8.20 -17.24
CA ALA A 27 -47.83 -7.53 -16.52
C ALA A 27 -46.58 -8.40 -16.42
N VAL A 28 -46.76 -9.66 -16.00
CA VAL A 28 -45.67 -10.62 -15.85
C VAL A 28 -44.78 -10.62 -17.09
N ASN A 29 -45.40 -10.54 -18.27
CA ASN A 29 -44.64 -10.62 -19.51
C ASN A 29 -43.78 -9.40 -19.78
N ASN A 30 -44.01 -8.29 -19.08
CA ASN A 30 -43.19 -7.09 -19.30
C ASN A 30 -41.79 -7.31 -18.75
N PRO A 31 -40.74 -7.19 -19.57
CA PRO A 31 -39.37 -7.39 -19.03
C PRO A 31 -39.01 -6.45 -17.91
N ALA A 32 -39.26 -5.15 -18.07
CA ALA A 32 -38.96 -4.20 -17.00
C ALA A 32 -39.71 -4.56 -15.72
N THR A 33 -40.95 -5.04 -15.85
CA THR A 33 -41.71 -5.46 -14.68
C THR A 33 -41.14 -6.74 -14.07
N ASN A 35 -38.15 -7.61 -14.00
CA ASN A 35 -37.01 -7.17 -13.22
C ASN A 35 -37.43 -6.65 -11.85
N ARG A 36 -38.52 -5.87 -11.82
CA ARG A 36 -38.97 -5.28 -10.55
C ARG A 36 -39.42 -6.35 -9.57
N ILE A 37 -40.05 -7.41 -10.07
CA ILE A 37 -40.47 -8.50 -9.19
C ILE A 37 -39.26 -9.14 -8.53
N GLY A 38 -38.16 -9.29 -9.27
CA GLY A 38 -36.94 -9.78 -8.66
C GLY A 38 -36.42 -8.86 -7.58
N TYR A 39 -36.48 -7.55 -7.84
CA TYR A 39 -36.08 -6.56 -6.84
C TYR A 39 -36.90 -6.71 -5.56
N TYR A 41 -38.47 -9.23 -4.40
CA TYR A 41 -38.01 -10.41 -3.69
C TYR A 41 -36.61 -10.19 -3.12
N ASP A 42 -35.78 -9.41 -3.81
CA ASP A 42 -34.42 -9.19 -3.37
C ASP A 42 -34.34 -8.32 -2.12
N GLU A 43 -35.28 -7.41 -1.94
CA GLU A 43 -35.30 -6.53 -0.78
C GLU A 43 -36.49 -6.79 0.14
N GLY A 44 -37.38 -7.70 -0.21
CA GLY A 44 -38.52 -7.99 0.62
C GLY A 44 -39.51 -6.84 0.69
N GLN A 45 -39.78 -6.24 -0.46
CA GLN A 45 -40.71 -5.11 -0.48
C GLN A 45 -42.14 -5.57 -0.20
N GLY A 46 -42.59 -6.61 -0.89
CA GLY A 46 -43.91 -7.14 -0.61
C GLY A 46 -43.89 -8.51 0.05
N VAL A 47 -42.72 -9.15 0.03
CA VAL A 47 -42.58 -10.56 0.40
C VAL A 47 -41.51 -10.69 1.48
N LYS A 48 -41.38 -11.91 2.02
CA LYS A 48 -40.22 -12.25 2.83
C LYS A 48 -39.01 -12.40 1.91
N LYS A 49 -38.00 -11.56 2.13
CA LYS A 49 -36.82 -11.49 1.28
C LYS A 49 -36.24 -12.87 0.96
N ASP A 50 -36.30 -13.25 -0.30
CA ASP A 50 -35.71 -14.51 -0.77
C ASP A 50 -34.84 -14.17 -1.96
N PRO A 51 -33.50 -14.22 -1.82
CA PRO A 51 -32.66 -13.93 -3.00
C PRO A 51 -32.71 -15.01 -4.04
N LYS A 52 -32.87 -16.27 -3.62
CA LYS A 52 -32.98 -17.37 -4.58
C LYS A 52 -34.17 -17.15 -5.52
N GLU A 53 -35.30 -16.74 -4.97
CA GLU A 53 -36.47 -16.42 -5.80
C GLU A 53 -36.21 -15.16 -6.63
N ALA A 54 -35.49 -14.19 -6.06
CA ALA A 54 -35.12 -13.00 -6.83
C ALA A 54 -34.28 -13.35 -8.03
N PHE A 55 -33.51 -14.44 -7.94
CA PHE A 55 -32.70 -14.89 -9.08
C PHE A 55 -33.57 -15.34 -10.23
N LYS A 56 -34.71 -15.97 -9.94
CA LYS A 56 -35.60 -16.46 -11.00
C LYS A 56 -36.11 -15.31 -11.86
N TRP A 57 -36.46 -14.19 -11.23
CA TRP A 57 -37.03 -13.07 -11.97
C TRP A 57 -35.96 -12.27 -12.67
N TYR A 58 -34.76 -12.18 -12.10
CA TYR A 58 -33.65 -11.53 -12.79
C TYR A 58 -33.27 -12.30 -14.04
N LYS A 59 -33.29 -13.64 -13.98
CA LYS A 59 -32.91 -14.42 -15.15
C LYS A 59 -33.94 -14.29 -16.26
N LYS A 60 -35.23 -14.36 -15.92
CA LYS A 60 -36.27 -14.13 -16.93
C LYS A 60 -36.09 -12.77 -17.59
N ALA A 61 -35.92 -11.73 -16.78
CA ALA A 61 -35.78 -10.39 -17.34
C ALA A 61 -34.46 -10.22 -18.09
N ALA A 62 -33.37 -10.79 -17.55
CA ALA A 62 -32.09 -10.69 -18.24
C ALA A 62 -32.07 -11.55 -19.49
N ASP A 63 -32.80 -12.67 -19.50
CA ASP A 63 -32.94 -13.47 -20.71
C ASP A 63 -33.79 -12.77 -21.77
N ALA A 64 -34.35 -11.61 -21.45
CA ALA A 64 -35.04 -10.77 -22.42
C ALA A 64 -34.19 -9.59 -22.86
N ASN A 65 -32.88 -9.64 -22.60
CA ASN A 65 -31.93 -8.59 -22.99
C ASN A 65 -32.31 -7.24 -22.40
N LEU A 66 -32.45 -7.21 -21.07
CA LEU A 66 -32.70 -5.99 -20.34
C LEU A 66 -31.41 -5.58 -19.60
N PRO A 67 -30.75 -4.50 -20.01
CA PRO A 67 -29.45 -4.16 -19.42
C PRO A 67 -29.45 -4.08 -17.90
N VAL A 68 -30.49 -3.49 -17.31
CA VAL A 68 -30.57 -3.41 -15.86
C VAL A 68 -30.57 -4.80 -15.24
N ALA A 69 -31.31 -5.74 -15.84
CA ALA A 69 -31.46 -7.07 -15.28
C ALA A 69 -30.28 -7.98 -15.58
N GLN A 70 -29.52 -7.73 -16.65
CA GLN A 70 -28.30 -8.49 -16.88
C GLN A 70 -27.23 -8.07 -15.87
N PHE A 71 -27.18 -6.80 -15.51
CA PHE A 71 -26.32 -6.36 -14.41
C PHE A 71 -26.73 -7.05 -13.12
N ASN A 72 -28.01 -6.95 -12.77
CA ASN A 72 -28.52 -7.60 -11.56
C ASN A 72 -28.19 -9.08 -11.54
N LEU A 73 -28.39 -9.76 -12.68
CA LEU A 73 -28.09 -11.19 -12.75
C LEU A 73 -26.59 -11.43 -12.54
N GLY A 74 -25.74 -10.62 -13.17
CA GLY A 74 -24.32 -10.75 -12.96
C GLY A 74 -23.91 -10.55 -11.51
N LEU A 75 -24.62 -9.68 -10.79
CA LEU A 75 -24.36 -9.50 -9.37
C LEU A 75 -24.64 -10.78 -8.58
N TYR A 77 -24.54 -13.79 -9.42
CA TYR A 77 -23.47 -14.77 -9.60
C TYR A 77 -22.23 -14.35 -8.81
N GLN A 78 -21.81 -13.09 -8.96
CA GLN A 78 -20.57 -12.61 -8.37
C GLN A 78 -20.56 -12.80 -6.86
N HIS A 79 -21.62 -12.35 -6.19
CA HIS A 79 -21.73 -12.53 -4.75
C HIS A 79 -22.29 -13.89 -4.37
N GLY A 80 -22.85 -14.64 -5.32
CA GLY A 80 -23.50 -15.89 -5.01
C GLY A 80 -24.67 -15.66 -4.06
N THR A 81 -25.48 -14.65 -4.34
CA THR A 81 -26.56 -14.28 -3.44
C THR A 81 -27.68 -15.31 -3.47
N GLY A 82 -28.26 -15.54 -4.65
CA GLY A 82 -29.37 -16.47 -4.79
C GLY A 82 -29.00 -17.65 -5.65
N VAL A 83 -27.74 -17.69 -6.07
CA VAL A 83 -27.16 -18.80 -6.81
C VAL A 83 -25.79 -19.09 -6.21
N SER A 84 -25.16 -20.16 -6.68
CA SER A 84 -23.83 -20.52 -6.19
C SER A 84 -22.77 -19.69 -6.90
N LYS A 85 -21.86 -19.11 -6.11
CA LYS A 85 -20.88 -18.16 -6.58
C LYS A 85 -20.14 -18.66 -7.82
N ASP A 86 -20.28 -17.91 -8.92
CA ASP A 86 -19.61 -18.20 -10.19
C ASP A 86 -19.03 -16.87 -10.68
N ILE A 87 -17.79 -16.58 -10.27
CA ILE A 87 -17.19 -15.29 -10.58
C ILE A 87 -17.07 -15.09 -12.09
N ASN A 88 -16.87 -16.17 -12.85
CA ASN A 88 -16.57 -16.04 -14.26
C ASN A 88 -17.79 -16.18 -15.16
N GLU A 89 -18.86 -16.82 -14.68
CA GLU A 89 -20.13 -16.68 -15.37
C GLU A 89 -20.67 -15.27 -15.19
N SER A 90 -20.34 -14.63 -14.06
CA SER A 90 -20.88 -13.31 -13.75
C SER A 90 -20.45 -12.27 -14.77
N ILE A 91 -19.26 -12.43 -15.37
CA ILE A 91 -18.73 -11.43 -16.29
C ILE A 91 -19.33 -11.61 -17.69
N LYS A 92 -19.88 -12.77 -18.00
CA LYS A 92 -20.74 -12.90 -19.18
C LYS A 92 -21.86 -11.87 -19.14
N TRP A 93 -22.49 -11.72 -17.97
CA TRP A 93 -23.68 -10.89 -17.85
C TRP A 93 -23.32 -9.41 -17.73
N PHE A 94 -22.37 -9.08 -16.85
CA PHE A 94 -21.86 -7.71 -16.80
C PHE A 94 -21.45 -7.25 -18.19
N ARG A 95 -20.76 -8.11 -18.95
CA ARG A 95 -20.32 -7.75 -20.29
C ARG A 95 -21.51 -7.39 -21.18
N LYS A 96 -22.53 -8.27 -21.21
CA LYS A 96 -23.73 -7.98 -21.99
C LYS A 96 -24.37 -6.67 -21.53
N ALA A 97 -24.60 -6.55 -20.22
CA ALA A 97 -25.23 -5.34 -19.69
C ALA A 97 -24.36 -4.10 -19.91
N ALA A 98 -23.03 -4.26 -19.82
CA ALA A 98 -22.15 -3.10 -19.97
C ALA A 98 -22.05 -2.66 -21.42
N GLU A 99 -22.01 -3.62 -22.34
CA GLU A 99 -21.93 -3.26 -23.76
C GLU A 99 -23.25 -2.69 -24.26
N GLN A 100 -24.35 -3.01 -23.59
CA GLN A 100 -25.66 -2.40 -23.81
C GLN A 100 -25.79 -1.01 -23.19
N ASN A 101 -24.66 -0.51 -22.66
CA ASN A 101 -24.50 0.85 -22.16
C ASN A 101 -25.12 1.08 -20.79
N ASP A 102 -25.18 0.04 -19.96
CA ASP A 102 -25.53 0.25 -18.56
C ASP A 102 -24.36 0.92 -17.85
N PRO A 103 -24.56 2.03 -17.16
CA PRO A 103 -23.46 2.69 -16.44
C PRO A 103 -22.90 1.83 -15.32
N ASP A 104 -23.78 1.26 -14.49
CA ASP A 104 -23.32 0.44 -13.38
C ASP A 104 -22.54 -0.77 -13.86
N ALA A 105 -22.93 -1.34 -15.01
CA ALA A 105 -22.22 -2.50 -15.54
C ALA A 105 -20.88 -2.10 -16.15
N GLU A 106 -20.83 -0.92 -16.80
CA GLU A 106 -19.57 -0.44 -17.35
C GLU A 106 -18.53 -0.22 -16.25
N LYS A 108 -18.58 -1.71 -13.14
CA LYS A 108 -18.21 -3.04 -12.66
C LYS A 108 -17.17 -3.68 -13.58
N GLY A 110 -14.99 -1.74 -15.39
CA GLY A 110 -13.78 -1.00 -15.09
C GLY A 110 -13.06 -1.57 -13.88
N TYR A 111 -13.83 -2.01 -12.88
CA TYR A 111 -13.22 -2.61 -11.70
C TYR A 111 -12.59 -3.96 -12.02
N LEU A 112 -13.38 -4.86 -12.62
CA LEU A 112 -12.88 -6.21 -12.90
C LEU A 112 -11.68 -6.21 -13.83
N THR A 113 -11.59 -5.21 -14.70
CA THR A 113 -10.44 -5.10 -15.58
C THR A 113 -9.23 -4.49 -14.87
N ALA A 114 -9.44 -3.55 -13.97
CA ALA A 114 -8.32 -2.91 -13.27
C ALA A 114 -7.67 -3.85 -12.26
N THR A 115 -8.45 -4.74 -11.65
CA THR A 115 -7.92 -5.70 -10.70
C THR A 115 -7.56 -7.04 -11.33
N GLY A 116 -7.99 -7.28 -12.56
CA GLY A 116 -7.77 -8.59 -13.19
C GLY A 116 -8.57 -9.70 -12.53
N THR A 117 -9.75 -9.39 -12.02
CA THR A 117 -10.48 -10.34 -11.17
C THR A 117 -11.00 -11.53 -11.98
N GLY A 118 -11.86 -11.27 -12.96
CA GLY A 118 -12.33 -12.32 -13.84
C GLY A 118 -11.74 -12.29 -15.23
N VAL A 119 -10.82 -11.38 -15.53
CA VAL A 119 -10.33 -11.15 -16.88
C VAL A 119 -8.88 -10.70 -16.77
N LYS A 120 -8.14 -10.81 -17.88
CA LYS A 120 -6.76 -10.33 -17.91
C LYS A 120 -6.70 -8.87 -17.50
N LYS A 121 -5.97 -8.58 -16.43
CA LYS A 121 -5.83 -7.21 -15.96
C LYS A 121 -5.31 -6.31 -17.07
N ASP A 122 -5.93 -5.14 -17.21
CA ASP A 122 -5.58 -4.22 -18.29
C ASP A 122 -5.98 -2.81 -17.84
N TYR A 123 -4.99 -2.06 -17.34
CA TYR A 123 -5.26 -0.69 -16.89
C TYR A 123 -5.81 0.19 -18.00
N GLN A 124 -5.54 -0.13 -19.26
CA GLN A 124 -6.01 0.69 -20.36
C GLN A 124 -7.47 0.41 -20.72
N GLU A 125 -7.86 -0.86 -20.73
CA GLU A 125 -9.27 -1.19 -20.90
C GLU A 125 -10.09 -0.67 -19.72
N ALA A 126 -9.52 -0.73 -18.52
CA ALA A 126 -10.25 -0.31 -17.32
C ALA A 126 -10.55 1.18 -17.36
N ILE A 127 -9.63 1.99 -17.87
CA ILE A 127 -9.90 3.42 -18.04
C ILE A 127 -11.08 3.63 -18.97
N GLN A 128 -11.07 2.94 -20.12
CA GLN A 128 -12.14 3.09 -21.10
C GLN A 128 -13.50 2.77 -20.50
N TRP A 129 -13.60 1.65 -19.78
CA TRP A 129 -14.85 1.29 -19.12
C TRP A 129 -15.24 2.36 -18.10
N TYR A 130 -14.27 2.89 -17.36
CA TYR A 130 -14.57 3.88 -16.34
C TYR A 130 -15.03 5.19 -16.97
N GLN A 131 -14.34 5.65 -18.02
CA GLN A 131 -14.74 6.87 -18.70
C GLN A 131 -16.12 6.70 -19.34
N ARG A 132 -16.42 5.51 -19.86
CA ARG A 132 -17.72 5.28 -20.47
C ARG A 132 -18.84 5.30 -19.43
N ALA A 133 -18.59 4.72 -18.25
CA ALA A 133 -19.56 4.80 -17.17
C ALA A 133 -19.75 6.22 -16.67
N ALA A 134 -18.76 7.09 -16.87
CA ALA A 134 -18.91 8.48 -16.47
C ALA A 134 -19.85 9.22 -17.41
N GLU A 135 -19.70 8.99 -18.73
CA GLU A 135 -20.60 9.61 -19.70
C GLU A 135 -22.06 9.24 -19.43
N HIS A 136 -22.30 8.06 -18.86
CA HIS A 136 -23.64 7.55 -18.66
C HIS A 136 -24.17 7.84 -17.25
N GLY A 137 -23.63 8.87 -16.59
CA GLY A 137 -24.17 9.32 -15.33
C GLY A 137 -23.72 8.56 -14.10
N ASP A 138 -22.40 8.41 -13.92
CA ASP A 138 -21.83 7.81 -12.72
C ASP A 138 -20.69 8.71 -12.24
N SER A 139 -20.93 9.42 -11.13
CA SER A 139 -19.96 10.36 -10.62
C SER A 139 -18.80 9.69 -9.90
N ALA A 140 -18.97 8.45 -9.43
CA ALA A 140 -17.87 7.73 -8.83
C ALA A 140 -16.77 7.43 -9.85
N ALA A 141 -17.13 7.34 -11.13
CA ALA A 141 -16.18 6.94 -12.15
C ALA A 141 -15.01 7.92 -12.26
N TYR A 142 -15.28 9.21 -12.09
CA TYR A 142 -14.24 10.22 -12.29
C TYR A 142 -13.07 10.00 -11.34
N ALA A 143 -13.35 9.82 -10.05
CA ALA A 143 -12.27 9.59 -9.09
C ALA A 143 -11.58 8.26 -9.33
N GLN A 144 -12.32 7.24 -9.79
CA GLN A 144 -11.70 5.97 -10.13
C GLN A 144 -10.69 6.15 -11.26
N ILE A 145 -11.00 7.01 -12.23
CA ILE A 145 -10.06 7.29 -13.31
C ILE A 145 -8.88 8.09 -12.79
N GLY A 146 -9.16 9.15 -12.02
CA GLY A 146 -8.09 9.99 -11.52
C GLY A 146 -7.07 9.25 -10.67
N LEU A 147 -7.49 8.17 -10.02
CA LEU A 147 -6.57 7.36 -9.24
C LEU A 147 -5.44 6.82 -10.12
N PHE A 148 -5.74 6.48 -11.37
CA PHE A 148 -4.72 5.95 -12.26
C PHE A 148 -3.61 6.97 -12.50
N TYR A 149 -3.97 8.24 -12.63
CA TYR A 149 -2.98 9.27 -12.89
C TYR A 149 -2.24 9.68 -11.62
N THR A 150 -2.90 9.61 -10.46
CA THR A 150 -2.19 9.85 -9.20
C THR A 150 -1.24 8.71 -8.89
N LEU A 151 -1.66 7.46 -9.12
CA LEU A 151 -0.88 6.29 -8.77
C LEU A 151 0.13 5.93 -9.85
N GLY A 152 -0.28 5.94 -11.11
CA GLY A 152 0.56 5.51 -12.20
C GLY A 152 0.30 4.11 -12.72
N ASN A 153 -0.95 3.68 -12.73
CA ASN A 153 -1.32 2.33 -13.16
C ASN A 153 -1.59 2.35 -14.66
N GLY A 154 -0.60 1.92 -15.45
CA GLY A 154 -0.73 1.93 -16.89
C GLY A 154 -0.45 3.27 -17.55
N VAL A 155 -0.27 4.33 -16.77
CA VAL A 155 0.03 5.65 -17.30
C VAL A 155 1.19 6.25 -16.51
N LYS A 156 1.79 7.30 -17.07
CA LYS A 156 2.74 8.10 -16.31
C LYS A 156 1.97 9.06 -15.42
N LYS A 157 2.40 9.20 -14.17
CA LYS A 157 1.65 9.96 -13.18
C LYS A 157 1.50 11.42 -13.60
N ASP A 158 0.26 11.85 -13.81
CA ASP A 158 -0.10 13.23 -14.10
C ASP A 158 -1.01 13.71 -12.98
N VAL A 159 -0.41 14.09 -11.86
CA VAL A 159 -1.18 14.53 -10.69
C VAL A 159 -2.08 15.70 -11.03
N ASN A 160 -1.65 16.56 -11.95
CA ASN A 160 -2.48 17.69 -12.37
C ASN A 160 -3.78 17.19 -13.00
N ARG A 161 -3.68 16.21 -13.89
CA ARG A 161 -4.86 15.69 -14.58
C ARG A 161 -5.77 14.92 -13.62
N ALA A 162 -5.19 14.20 -12.68
CA ALA A 162 -5.98 13.44 -11.71
C ALA A 162 -6.88 14.35 -10.90
N VAL A 163 -6.35 15.51 -10.49
CA VAL A 163 -7.16 16.44 -9.72
C VAL A 163 -8.25 17.04 -10.59
N GLN A 164 -7.97 17.25 -11.89
CA GLN A 164 -9.03 17.69 -12.80
C GLN A 164 -10.18 16.69 -12.83
N TYR A 165 -9.87 15.40 -12.73
CA TYR A 165 -10.93 14.39 -12.66
C TYR A 165 -11.65 14.46 -11.32
N TYR A 166 -10.92 14.64 -10.23
CA TYR A 166 -11.54 14.75 -8.92
C TYR A 166 -12.54 15.89 -8.88
N ILE A 167 -12.14 17.06 -9.39
CA ILE A 167 -13.02 18.23 -9.37
C ILE A 167 -14.32 17.94 -10.11
N GLY A 169 -15.85 14.90 -10.63
CA GLY A 169 -16.66 14.06 -9.75
C GLY A 169 -17.03 14.72 -8.45
N ALA A 170 -16.17 15.62 -7.95
CA ALA A 170 -16.48 16.30 -6.68
C ALA A 170 -17.69 17.22 -6.84
N GLN A 171 -17.77 17.93 -7.95
CA GLN A 171 -18.89 18.84 -8.20
C GLN A 171 -20.17 18.13 -8.61
N LYS A 172 -20.14 16.81 -8.77
CA LYS A 172 -21.31 16.04 -9.14
C LYS A 172 -21.75 15.08 -8.02
N GLY A 173 -21.35 15.36 -6.78
CA GLY A 173 -21.90 14.68 -5.62
C GLY A 173 -21.16 13.46 -5.13
N ASP A 174 -19.96 13.19 -5.64
CA ASP A 174 -19.22 11.99 -5.26
C ASP A 174 -18.42 12.25 -3.99
N ALA A 175 -18.67 11.43 -2.96
CA ALA A 175 -18.08 11.68 -1.64
C ALA A 175 -16.57 11.57 -1.65
N ARG A 176 -16.02 10.66 -2.45
CA ARG A 176 -14.57 10.42 -2.42
C ARG A 176 -13.81 11.46 -3.22
N ALA A 177 -14.27 11.80 -4.43
CA ALA A 177 -13.64 12.88 -5.18
C ALA A 177 -13.64 14.16 -4.37
N GLN A 178 -14.71 14.40 -3.61
CA GLN A 178 -14.76 15.56 -2.73
C GLN A 178 -13.66 15.50 -1.68
N ALA A 179 -13.45 14.33 -1.07
CA ALA A 179 -12.37 14.19 -0.12
C ALA A 179 -11.00 14.26 -0.80
N PHE A 180 -10.87 13.61 -1.96
CA PHE A 180 -9.64 13.72 -2.72
C PHE A 180 -9.34 15.16 -3.10
N LEU A 181 -10.37 15.90 -3.53
CA LEU A 181 -10.16 17.29 -3.92
C LEU A 181 -9.79 18.15 -2.71
N GLY A 182 -10.38 17.87 -1.55
CA GLY A 182 -9.98 18.58 -0.35
C GLY A 182 -8.52 18.36 -0.01
N LYS A 183 -8.05 17.12 -0.13
CA LYS A 183 -6.64 16.83 0.11
C LYS A 183 -5.74 17.51 -0.91
N ALA A 184 -6.23 17.67 -2.15
CA ALA A 184 -5.46 18.39 -3.16
C ALA A 184 -5.30 19.87 -2.79
N TYR A 185 -6.41 20.52 -2.43
CA TYR A 185 -6.35 21.91 -1.99
C TYR A 185 -5.46 22.07 -0.76
N ALA A 186 -5.50 21.10 0.15
CA ALA A 186 -4.82 21.24 1.43
C ALA A 186 -3.30 21.25 1.26
N LEU A 187 -2.78 20.39 0.39
CA LEU A 187 -1.33 20.29 0.19
C LEU A 187 -0.86 21.02 -1.06
N GLY A 188 -1.77 21.57 -1.86
CA GLY A 188 -1.38 22.10 -3.14
C GLY A 188 -0.85 21.05 -4.09
N ARG A 189 -1.12 19.78 -3.82
CA ARG A 189 -0.63 18.68 -4.66
C ARG A 189 -1.04 18.87 -6.12
N GLY A 190 -2.35 18.91 -6.36
CA GLY A 190 -2.85 19.06 -7.70
C GLY A 190 -2.94 20.50 -8.18
N ILE A 191 -3.39 21.41 -7.32
CA ILE A 191 -3.61 22.79 -7.73
C ILE A 191 -3.11 23.75 -6.65
N GLN A 192 -3.68 24.96 -6.63
CA GLN A 192 -3.20 26.02 -5.73
C GLN A 192 -3.75 25.81 -4.32
N PRO A 193 -2.90 25.82 -3.30
CA PRO A 193 -3.36 25.52 -1.93
C PRO A 193 -4.34 26.57 -1.42
N ASP A 194 -5.54 26.12 -1.07
CA ASP A 194 -6.58 26.97 -0.49
C ASP A 194 -7.05 26.31 0.79
N SER A 195 -6.63 26.87 1.95
CA SER A 195 -7.04 26.30 3.23
C SER A 195 -8.55 26.35 3.41
N GLU A 196 -9.21 27.36 2.84
CA GLU A 196 -10.66 27.46 2.93
C GLU A 196 -11.33 26.40 2.07
N LYS A 197 -11.02 26.39 0.76
CA LYS A 197 -11.65 25.43 -0.14
C LYS A 197 -11.29 24.00 0.22
N ALA A 198 -10.10 23.77 0.79
CA ALA A 198 -9.79 22.45 1.32
C ALA A 198 -10.73 22.07 2.44
N LEU A 199 -10.94 22.99 3.39
CA LEU A 199 -11.87 22.75 4.48
C LEU A 199 -13.29 22.55 3.97
N TYR A 200 -13.71 23.37 3.01
CA TYR A 200 -15.05 23.22 2.43
C TYR A 200 -15.26 21.82 1.88
N TRP A 201 -14.29 21.33 1.11
CA TRP A 201 -14.46 20.03 0.46
C TRP A 201 -14.33 18.88 1.46
N TYR A 202 -13.46 19.04 2.46
CA TYR A 202 -13.40 18.07 3.54
C TYR A 202 -14.75 17.97 4.25
N LYS A 203 -15.33 19.12 4.59
CA LYS A 203 -16.63 19.13 5.26
C LYS A 203 -17.73 18.53 4.38
N THR A 204 -17.65 18.75 3.06
CA THR A 204 -18.68 18.24 2.17
C THR A 204 -18.57 16.73 2.00
N ALA A 205 -17.34 16.20 1.97
CA ALA A 205 -17.16 14.77 1.85
C ALA A 205 -17.59 14.05 3.13
N ALA A 206 -17.26 14.62 4.29
CA ALA A 206 -17.74 14.06 5.55
C ALA A 206 -19.25 14.11 5.61
N ARG A 207 -19.84 15.23 5.19
CA ARG A 207 -21.29 15.34 5.05
C ARG A 207 -21.86 14.20 4.22
N ASN A 208 -21.08 13.70 3.25
CA ASN A 208 -21.52 12.64 2.36
C ASN A 208 -20.97 11.27 2.75
N GLY A 209 -20.48 11.12 3.97
CA GLY A 209 -20.14 9.80 4.48
C GLY A 209 -18.80 9.25 4.06
N ASN A 210 -17.84 10.09 3.67
CA ASN A 210 -16.48 9.64 3.42
C ASN A 210 -15.72 9.64 4.75
N VAL A 211 -15.32 8.45 5.20
CA VAL A 211 -14.79 8.30 6.55
C VAL A 211 -13.42 8.96 6.69
N ASN A 212 -12.59 8.90 5.64
CA ASN A 212 -11.29 9.55 5.71
C ASN A 212 -11.43 11.06 5.87
N ALA A 213 -12.49 11.65 5.33
CA ALA A 213 -12.71 13.07 5.52
C ALA A 213 -13.15 13.38 6.95
N LYS A 215 -12.34 11.54 9.68
CA LYS A 215 -11.11 11.39 10.47
C LYS A 215 -10.17 12.56 10.24
N GLU A 216 -10.00 12.95 8.97
CA GLU A 216 -9.20 14.13 8.67
C GLU A 216 -9.76 15.36 9.39
N LEU A 217 -11.07 15.56 9.32
CA LEU A 217 -11.69 16.72 9.93
C LEU A 217 -11.42 16.77 11.44
N GLY A 218 -11.61 15.64 12.12
CA GLY A 218 -11.34 15.60 13.55
C GLY A 218 -9.90 15.98 13.88
N SER A 219 -8.95 15.56 13.04
CA SER A 219 -7.56 15.92 13.24
C SER A 219 -7.33 17.41 13.00
N ILE A 220 -8.08 17.99 12.06
CA ILE A 220 -7.92 19.40 11.71
C ILE A 220 -8.24 20.29 12.90
N TYR A 221 -9.41 20.08 13.52
CA TYR A 221 -9.85 20.96 14.58
C TYR A 221 -9.04 20.77 15.86
N ALA A 222 -8.67 19.51 16.16
CA ALA A 222 -7.93 19.23 17.39
C ALA A 222 -6.56 19.90 17.36
N LYS A 223 -5.73 19.54 16.40
CA LYS A 223 -4.39 20.14 16.29
C LYS A 223 -4.48 21.63 16.03
N GLY A 224 -5.34 22.03 15.09
CA GLY A 224 -5.45 23.43 14.72
C GLY A 224 -4.81 23.70 13.37
N ARG A 225 -4.76 22.68 12.52
CA ARG A 225 -4.22 22.83 11.17
C ARG A 225 -5.20 23.63 10.31
N LEU A 226 -4.71 24.06 9.14
CA LEU A 226 -5.53 24.73 8.12
C LEU A 226 -6.13 26.04 8.62
N GLY A 227 -5.51 26.67 9.60
CA GLY A 227 -5.96 27.98 10.03
C GLY A 227 -7.29 28.01 10.75
N VAL A 228 -7.81 26.87 11.20
CA VAL A 228 -8.95 26.93 12.11
C VAL A 228 -8.44 27.34 13.48
N LYS A 229 -9.30 27.98 14.25
CA LYS A 229 -9.04 28.10 15.67
C LYS A 229 -9.11 26.69 16.26
N PRO A 230 -8.06 26.21 16.92
CA PRO A 230 -8.11 24.86 17.50
C PRO A 230 -9.32 24.66 18.40
N ASP A 231 -10.22 23.79 17.97
CA ASP A 231 -11.44 23.50 18.72
C ASP A 231 -11.53 22.00 18.94
N GLN A 232 -11.66 21.59 20.19
CA GLN A 232 -11.88 20.20 20.54
C GLN A 232 -13.36 19.86 20.69
N GLN A 233 -14.22 20.85 20.93
CA GLN A 233 -15.65 20.59 20.95
C GLN A 233 -16.14 20.11 19.60
N GLU A 234 -15.50 20.54 18.51
CA GLU A 234 -15.80 20.00 17.19
C GLU A 234 -14.95 18.78 16.88
N ALA A 235 -13.68 18.78 17.31
CA ALA A 235 -12.75 17.73 16.92
C ALA A 235 -13.20 16.36 17.39
N GLN A 236 -13.65 16.25 18.63
CA GLN A 236 -14.08 14.95 19.14
C GLN A 236 -15.39 14.51 18.51
N ARG A 237 -16.20 15.45 18.03
CA ARG A 237 -17.42 15.10 17.30
C ARG A 237 -17.09 14.23 16.09
N TRP A 238 -16.12 14.67 15.28
CA TRP A 238 -15.84 14.01 14.01
C TRP A 238 -15.27 12.62 14.22
N ASN A 239 -14.27 12.50 15.12
CA ASN A 239 -13.59 11.22 15.29
C ASN A 239 -14.54 10.16 15.85
N ASP A 240 -15.42 10.55 16.78
CA ASP A 240 -16.43 9.62 17.27
C ASP A 240 -17.30 9.11 16.14
N ALA A 242 -16.68 8.90 13.01
CA ALA A 242 -15.94 8.02 12.12
C ALA A 242 -15.83 6.62 12.70
N ARG A 243 -15.50 6.52 14.00
CA ARG A 243 -15.46 5.22 14.66
C ARG A 243 -16.82 4.54 14.59
N LYS A 244 -17.89 5.29 14.85
CA LYS A 244 -19.24 4.74 14.81
C LYS A 244 -19.64 4.28 13.41
N ALA A 245 -18.95 4.75 12.37
CA ALA A 245 -19.27 4.40 11.00
C ALA A 245 -18.42 3.25 10.48
N GLU A 246 -17.81 2.47 11.37
CA GLU A 246 -17.00 1.33 10.96
C GLU A 246 -16.99 0.25 12.04
N ASN B 2 -7.53 30.33 -24.21
CA ASN B 2 -6.11 30.21 -24.56
C ASN B 2 -5.56 28.86 -24.14
N VAL B 3 -4.79 28.84 -23.06
CA VAL B 3 -4.35 27.57 -22.48
C VAL B 3 -5.55 26.80 -21.96
N GLU B 4 -6.36 27.44 -21.12
CA GLU B 4 -7.49 26.76 -20.49
C GLU B 4 -8.46 26.20 -21.52
N GLU B 5 -8.61 26.86 -22.67
CA GLU B 5 -9.42 26.30 -23.74
C GLU B 5 -8.83 25.01 -24.28
N GLY B 6 -7.50 24.91 -24.29
CA GLY B 6 -6.83 23.72 -24.77
C GLY B 6 -6.82 22.58 -23.77
N ASN B 7 -6.66 22.92 -22.48
CA ASN B 7 -6.68 21.92 -21.43
C ASN B 7 -7.98 21.13 -21.43
N HIS B 8 -9.09 21.75 -21.85
CA HIS B 8 -10.39 21.08 -21.81
C HIS B 8 -10.42 19.87 -22.72
N LEU B 9 -10.03 20.03 -23.98
CA LEU B 9 -9.98 18.90 -24.91
C LEU B 9 -9.02 17.82 -24.39
N TYR B 10 -7.91 18.24 -23.78
CA TYR B 10 -6.93 17.31 -23.27
C TYR B 10 -7.51 16.43 -22.18
N ASN B 11 -8.06 17.06 -21.14
CA ASN B 11 -8.70 16.32 -20.05
C ASN B 11 -9.79 15.39 -20.59
N ALA B 12 -10.52 15.85 -21.60
CA ALA B 12 -11.57 15.03 -22.21
C ALA B 12 -10.98 13.79 -22.88
N GLY B 13 -9.98 13.99 -23.74
CA GLY B 13 -9.38 12.89 -24.48
C GLY B 13 -9.08 13.28 -25.91
N LYS B 14 -9.39 14.52 -26.26
CA LYS B 14 -9.13 15.06 -27.60
C LYS B 14 -7.69 15.55 -27.65
N TYR B 15 -6.77 14.58 -27.65
CA TYR B 15 -5.35 14.88 -27.53
C TYR B 15 -4.83 15.66 -28.73
N GLN B 16 -5.24 15.25 -29.94
CA GLN B 16 -4.74 15.90 -31.14
C GLN B 16 -5.23 17.34 -31.24
N GLU B 17 -6.48 17.58 -30.85
CA GLU B 17 -7.03 18.94 -30.87
C GLU B 17 -6.45 19.78 -29.74
N ALA B 18 -6.37 19.21 -28.54
CA ALA B 18 -5.74 19.91 -27.42
C ALA B 18 -4.32 20.32 -27.75
N LEU B 19 -3.61 19.50 -28.53
CA LEU B 19 -2.27 19.89 -28.96
C LEU B 19 -2.31 21.14 -29.82
N THR B 20 -3.34 21.28 -30.66
CA THR B 20 -3.45 22.47 -31.50
C THR B 20 -3.56 23.73 -30.67
N PHE B 21 -4.43 23.71 -29.64
CA PHE B 21 -4.58 24.87 -28.79
C PHE B 21 -3.34 25.08 -27.91
N PHE B 22 -2.64 24.00 -27.57
CA PHE B 22 -1.37 24.13 -26.86
C PHE B 22 -0.28 24.74 -27.74
N LYS B 24 -0.58 27.40 -29.65
CA LYS B 24 -0.88 28.80 -29.83
C LYS B 24 0.06 29.66 -28.98
N PRO B 25 0.51 30.80 -29.50
CA PRO B 25 1.65 31.51 -28.88
C PRO B 25 1.46 31.93 -27.42
N ASP B 26 0.24 32.31 -27.00
CA ASP B 26 0.02 32.53 -25.58
C ASP B 26 0.27 31.27 -24.77
N ALA B 27 0.01 30.11 -25.38
CA ALA B 27 0.04 28.83 -24.68
C ALA B 27 1.41 28.16 -24.71
N VAL B 28 2.06 28.14 -25.88
CA VAL B 28 3.29 27.37 -26.05
C VAL B 28 4.32 27.73 -25.00
N ASN B 29 4.36 28.99 -24.57
CA ASN B 29 5.40 29.52 -23.71
C ASN B 29 5.03 29.49 -22.23
N ASN B 30 4.00 28.74 -21.85
CA ASN B 30 3.63 28.60 -20.45
C ASN B 30 4.35 27.39 -19.87
N PRO B 31 5.13 27.55 -18.79
CA PRO B 31 5.93 26.41 -18.28
C PRO B 31 5.10 25.16 -18.00
N ALA B 32 3.96 25.32 -17.32
CA ALA B 32 3.11 24.17 -17.05
C ALA B 32 2.64 23.50 -18.33
N THR B 33 2.39 24.30 -19.38
CA THR B 33 1.89 23.73 -20.63
C THR B 33 2.98 22.99 -21.38
N ASN B 35 5.45 21.54 -20.19
CA ASN B 35 5.63 20.29 -19.46
C ASN B 35 4.69 19.22 -20.00
N ARG B 36 3.40 19.54 -20.12
CA ARG B 36 2.42 18.59 -20.61
C ARG B 36 2.69 18.21 -22.06
N ILE B 37 3.25 19.13 -22.85
CA ILE B 37 3.60 18.80 -24.24
C ILE B 37 4.60 17.65 -24.28
N GLY B 38 5.69 17.77 -23.51
CA GLY B 38 6.61 16.66 -23.39
C GLY B 38 5.94 15.42 -22.84
N TYR B 39 4.99 15.59 -21.93
CA TYR B 39 4.20 14.47 -21.44
C TYR B 39 3.46 13.79 -22.59
N TYR B 41 4.23 13.82 -25.69
CA TYR B 41 5.25 13.10 -26.47
C TYR B 41 5.77 11.90 -25.70
N ASP B 42 5.91 12.03 -24.37
CA ASP B 42 6.40 10.93 -23.54
C ASP B 42 5.46 9.73 -23.63
N GLU B 43 4.16 9.97 -23.42
CA GLU B 43 3.17 8.90 -23.46
C GLU B 43 2.60 8.67 -24.85
N GLY B 44 2.91 9.53 -25.82
CA GLY B 44 2.37 9.38 -27.16
C GLY B 44 0.86 9.41 -27.23
N GLN B 45 0.21 10.14 -26.33
CA GLN B 45 -1.25 10.19 -26.32
C GLN B 45 -1.78 11.04 -27.47
N GLY B 46 -1.19 12.22 -27.68
CA GLY B 46 -1.54 13.00 -28.86
C GLY B 46 -0.83 12.51 -30.10
N VAL B 47 0.42 12.10 -29.96
CA VAL B 47 1.32 11.90 -31.09
C VAL B 47 1.81 10.47 -31.17
N LYS B 48 2.82 10.24 -32.02
CA LYS B 48 3.61 9.02 -31.97
C LYS B 48 4.68 9.17 -30.90
N LYS B 49 4.77 8.17 -30.01
CA LYS B 49 5.66 8.24 -28.86
C LYS B 49 7.09 8.58 -29.26
N ASP B 50 7.56 9.76 -28.87
CA ASP B 50 8.91 10.23 -29.16
C ASP B 50 9.54 10.74 -27.88
N PRO B 51 10.40 9.94 -27.23
CA PRO B 51 11.03 10.41 -25.98
C PRO B 51 12.04 11.51 -26.20
N LYS B 52 12.72 11.54 -27.36
CA LYS B 52 13.72 12.56 -27.60
C LYS B 52 13.08 13.94 -27.76
N GLU B 53 11.91 14.00 -28.40
CA GLU B 53 11.14 15.24 -28.40
C GLU B 53 10.55 15.52 -27.03
N ALA B 54 10.04 14.47 -26.37
CA ALA B 54 9.51 14.62 -25.02
C ALA B 54 10.55 15.17 -24.06
N PHE B 55 11.82 14.81 -24.24
CA PHE B 55 12.88 15.40 -23.43
C PHE B 55 13.06 16.87 -23.77
N LYS B 56 13.08 17.18 -25.08
CA LYS B 56 13.24 18.57 -25.52
C LYS B 56 12.23 19.49 -24.85
N TRP B 57 11.04 18.98 -24.58
CA TRP B 57 9.97 19.77 -23.99
C TRP B 57 10.05 19.82 -22.47
N TYR B 58 10.47 18.72 -21.84
CA TYR B 58 10.73 18.76 -20.40
C TYR B 58 11.82 19.76 -20.08
N LYS B 59 12.85 19.82 -20.92
CA LYS B 59 13.98 20.71 -20.67
C LYS B 59 13.54 22.18 -20.68
N LYS B 60 12.73 22.56 -21.68
CA LYS B 60 12.27 23.94 -21.77
C LYS B 60 11.52 24.36 -20.51
N ALA B 61 10.62 23.51 -20.02
CA ALA B 61 9.90 23.83 -18.80
C ALA B 61 10.78 23.69 -17.57
N ALA B 62 11.80 22.83 -17.61
CA ALA B 62 12.67 22.67 -16.45
C ALA B 62 13.53 23.90 -16.24
N ASP B 63 13.96 24.55 -17.32
CA ASP B 63 14.73 25.79 -17.21
C ASP B 63 13.85 26.99 -16.86
N ALA B 64 12.54 26.82 -16.84
CA ALA B 64 11.64 27.83 -16.28
C ALA B 64 11.37 27.60 -14.80
N ASN B 65 12.08 26.66 -14.18
CA ASN B 65 11.98 26.37 -12.75
C ASN B 65 10.61 25.81 -12.37
N LEU B 66 10.18 24.79 -13.11
CA LEU B 66 8.94 24.10 -12.81
C LEU B 66 9.26 22.78 -12.11
N PRO B 67 8.90 22.61 -10.84
CA PRO B 67 9.32 21.40 -10.11
C PRO B 67 8.87 20.10 -10.76
N VAL B 68 7.66 20.08 -11.32
CA VAL B 68 7.18 18.87 -12.00
C VAL B 68 8.10 18.51 -13.16
N ALA B 69 8.60 19.51 -13.87
CA ALA B 69 9.44 19.28 -15.04
C ALA B 69 10.91 19.09 -14.70
N GLN B 70 11.40 19.71 -13.62
CA GLN B 70 12.74 19.38 -13.13
C GLN B 70 12.82 17.91 -12.75
N PHE B 71 11.82 17.44 -11.99
CA PHE B 71 11.75 16.02 -11.64
C PHE B 71 11.64 15.15 -12.89
N ASN B 72 10.69 15.49 -13.78
CA ASN B 72 10.53 14.76 -15.03
C ASN B 72 11.85 14.69 -15.79
N LEU B 73 12.58 15.80 -15.82
CA LEU B 73 13.86 15.82 -16.53
C LEU B 73 14.87 14.88 -15.89
N GLY B 74 14.98 14.94 -14.56
CA GLY B 74 15.90 14.05 -13.87
C GLY B 74 15.60 12.58 -14.11
N LEU B 75 14.32 12.26 -14.26
CA LEU B 75 13.94 10.87 -14.55
C LEU B 75 14.54 10.42 -15.87
N TYR B 77 17.23 11.46 -17.31
CA TYR B 77 18.66 11.24 -17.12
C TYR B 77 18.93 9.94 -16.37
N GLN B 78 18.09 9.62 -15.38
CA GLN B 78 18.34 8.43 -14.55
C GLN B 78 18.10 7.15 -15.34
N HIS B 79 17.10 7.14 -16.21
CA HIS B 79 16.78 5.95 -17.00
C HIS B 79 17.33 6.00 -18.41
N GLY B 80 17.91 7.13 -18.83
CA GLY B 80 18.43 7.24 -20.18
C GLY B 80 17.37 7.06 -21.25
N THR B 81 16.14 7.46 -20.97
CA THR B 81 15.05 7.28 -21.93
C THR B 81 15.10 8.33 -23.03
N GLY B 82 14.95 9.60 -22.66
CA GLY B 82 15.05 10.65 -23.65
C GLY B 82 16.46 10.94 -24.10
N VAL B 83 17.46 10.60 -23.27
CA VAL B 83 18.85 10.96 -23.54
C VAL B 83 19.79 9.83 -23.13
N SER B 84 21.08 10.16 -23.08
CA SER B 84 22.08 9.25 -22.51
C SER B 84 21.94 9.22 -21.00
N LYS B 85 21.96 8.01 -20.43
CA LYS B 85 21.92 7.84 -18.98
C LYS B 85 23.06 8.60 -18.32
N ASP B 86 22.73 9.37 -17.27
CA ASP B 86 23.70 10.15 -16.52
C ASP B 86 23.17 10.29 -15.09
N ILE B 87 23.49 9.29 -14.26
CA ILE B 87 22.89 9.18 -12.93
C ILE B 87 23.28 10.36 -12.05
N ASN B 88 24.50 10.87 -12.20
CA ASN B 88 24.91 12.05 -11.42
C ASN B 88 24.25 13.33 -11.92
N GLU B 89 23.83 13.38 -13.19
CA GLU B 89 23.10 14.54 -13.68
C GLU B 89 21.65 14.52 -13.20
N SER B 90 21.03 13.34 -13.23
CA SER B 90 19.67 13.19 -12.71
C SER B 90 19.57 13.70 -11.28
N ILE B 91 20.64 13.56 -10.50
CA ILE B 91 20.61 13.98 -9.11
C ILE B 91 20.56 15.50 -9.01
N LYS B 92 21.30 16.19 -9.88
CA LYS B 92 21.22 17.66 -9.92
C LYS B 92 19.78 18.12 -10.09
N TRP B 93 19.01 17.43 -10.93
CA TRP B 93 17.64 17.84 -11.20
C TRP B 93 16.69 17.42 -10.09
N PHE B 94 16.77 16.15 -9.66
CA PHE B 94 15.99 15.71 -8.50
C PHE B 94 16.19 16.64 -7.32
N ARG B 95 17.44 17.09 -7.10
CA ARG B 95 17.75 17.97 -5.99
C ARG B 95 16.96 19.26 -6.06
N LYS B 96 17.12 20.00 -7.17
CA LYS B 96 16.47 21.30 -7.30
C LYS B 96 14.95 21.16 -7.23
N ALA B 97 14.40 20.11 -7.85
CA ALA B 97 12.97 19.86 -7.75
C ALA B 97 12.57 19.52 -6.32
N ALA B 98 13.43 18.79 -5.60
CA ALA B 98 13.12 18.46 -4.21
C ALA B 98 13.22 19.69 -3.32
N GLU B 99 14.18 20.57 -3.59
CA GLU B 99 14.29 21.81 -2.84
C GLU B 99 13.12 22.75 -3.07
N GLN B 100 12.32 22.51 -4.11
CA GLN B 100 11.06 23.21 -4.31
C GLN B 100 9.87 22.44 -3.75
N ASN B 101 10.13 21.41 -2.92
CA ASN B 101 9.09 20.67 -2.21
C ASN B 101 8.18 19.89 -3.16
N ASP B 102 8.79 19.20 -4.13
CA ASP B 102 8.04 18.33 -5.01
C ASP B 102 8.05 16.90 -4.42
N PRO B 103 6.89 16.39 -4.01
CA PRO B 103 6.91 15.10 -3.25
C PRO B 103 7.61 13.97 -3.98
N ASP B 104 7.36 13.80 -5.28
CA ASP B 104 7.99 12.70 -6.01
C ASP B 104 9.49 12.90 -6.13
N ALA B 105 9.96 14.15 -6.17
CA ALA B 105 11.38 14.40 -6.12
C ALA B 105 11.94 14.14 -4.73
N GLU B 106 11.20 14.54 -3.70
CA GLU B 106 11.65 14.30 -2.33
C GLU B 106 11.74 12.81 -2.02
N LYS B 108 12.32 10.38 -4.32
CA LYS B 108 13.49 9.88 -5.01
C LYS B 108 14.74 10.11 -4.16
N GLY B 110 14.91 10.43 -0.93
CA GLY B 110 14.89 9.51 0.19
C GLY B 110 15.38 8.13 -0.21
N TYR B 111 14.90 7.64 -1.35
CA TYR B 111 15.37 6.35 -1.85
C TYR B 111 16.85 6.40 -2.20
N LEU B 112 17.28 7.45 -2.87
CA LEU B 112 18.68 7.55 -3.27
C LEU B 112 19.61 7.63 -2.06
N THR B 113 19.20 8.38 -1.04
CA THR B 113 20.03 8.51 0.15
C THR B 113 20.00 7.23 0.98
N ALA B 114 18.84 6.58 1.06
CA ALA B 114 18.73 5.35 1.85
C ALA B 114 19.60 4.23 1.26
N THR B 115 19.60 4.10 -0.06
CA THR B 115 20.40 3.07 -0.71
C THR B 115 21.79 3.53 -1.10
N GLY B 116 22.05 4.84 -1.09
CA GLY B 116 23.35 5.35 -1.47
C GLY B 116 23.66 5.13 -2.93
N THR B 117 22.72 5.52 -3.80
CA THR B 117 22.84 5.21 -5.22
C THR B 117 23.75 6.20 -5.93
N GLY B 118 23.43 7.48 -5.88
CA GLY B 118 24.31 8.49 -6.44
C GLY B 118 24.85 9.40 -5.36
N VAL B 119 24.46 9.13 -4.11
CA VAL B 119 24.84 9.92 -2.96
C VAL B 119 25.43 8.97 -1.92
N LYS B 120 26.07 9.55 -0.90
CA LYS B 120 26.55 8.77 0.22
C LYS B 120 25.37 8.25 1.03
N LYS B 121 25.43 6.98 1.43
CA LYS B 121 24.38 6.41 2.26
C LYS B 121 24.25 7.19 3.55
N ASP B 122 22.99 7.46 3.93
CA ASP B 122 22.74 8.24 5.14
C ASP B 122 21.26 7.93 5.57
N TYR B 123 21.14 6.86 6.35
CA TYR B 123 19.81 6.46 6.83
C TYR B 123 19.11 7.60 7.58
N GLN B 124 19.86 8.57 8.10
CA GLN B 124 19.26 9.70 8.78
C GLN B 124 18.71 10.72 7.79
N GLU B 125 19.53 11.15 6.83
CA GLU B 125 19.06 12.05 5.79
C GLU B 125 17.90 11.44 5.02
N ALA B 126 17.96 10.12 4.76
CA ALA B 126 16.93 9.47 3.98
C ALA B 126 15.56 9.58 4.64
N ILE B 127 15.50 9.34 5.95
CA ILE B 127 14.23 9.45 6.67
C ILE B 127 13.67 10.86 6.55
N GLN B 128 14.54 11.87 6.67
CA GLN B 128 14.11 13.26 6.52
C GLN B 128 13.44 13.48 5.18
N TRP B 129 14.01 12.90 4.11
CA TRP B 129 13.49 13.13 2.77
C TRP B 129 12.10 12.52 2.61
N TYR B 130 11.91 11.29 3.08
CA TYR B 130 10.60 10.66 3.00
C TYR B 130 9.56 11.45 3.80
N GLN B 131 9.94 11.94 4.98
CA GLN B 131 8.96 12.59 5.84
C GLN B 131 8.52 13.94 5.28
N ARG B 132 9.40 14.63 4.55
CA ARG B 132 8.96 15.79 3.78
C ARG B 132 7.94 15.37 2.73
N ALA B 133 8.23 14.26 2.03
CA ALA B 133 7.32 13.77 0.99
C ALA B 133 5.94 13.46 1.57
N ALA B 134 5.91 12.78 2.72
CA ALA B 134 4.62 12.48 3.34
C ALA B 134 3.87 13.75 3.72
N GLU B 135 4.60 14.77 4.19
CA GLU B 135 3.98 16.05 4.48
C GLU B 135 3.45 16.74 3.22
N HIS B 136 3.93 16.33 2.04
CA HIS B 136 3.57 16.99 0.79
C HIS B 136 2.62 16.17 -0.07
N GLY B 137 2.08 15.06 0.45
CA GLY B 137 0.98 14.35 -0.17
C GLY B 137 1.29 12.91 -0.53
N ASP B 138 2.56 12.59 -0.77
CA ASP B 138 2.93 11.24 -1.21
C ASP B 138 2.64 10.25 -0.09
N SER B 139 1.53 9.51 -0.23
CA SER B 139 1.12 8.55 0.79
C SER B 139 1.97 7.30 0.81
N ALA B 140 2.82 7.08 -0.21
CA ALA B 140 3.68 5.90 -0.21
C ALA B 140 4.81 6.02 0.81
N ALA B 141 5.16 7.24 1.24
CA ALA B 141 6.34 7.42 2.07
C ALA B 141 6.16 6.84 3.47
N TYR B 142 4.94 6.80 3.98
CA TYR B 142 4.72 6.36 5.36
C TYR B 142 5.23 4.93 5.57
N ALA B 143 4.88 4.02 4.66
CA ALA B 143 5.40 2.66 4.76
C ALA B 143 6.91 2.64 4.68
N GLN B 144 7.50 3.53 3.87
CA GLN B 144 8.94 3.56 3.72
C GLN B 144 9.63 4.04 5.00
N ILE B 145 9.05 5.06 5.65
CA ILE B 145 9.62 5.53 6.92
C ILE B 145 9.51 4.45 7.98
N GLY B 146 8.33 3.83 8.10
CA GLY B 146 8.13 2.79 9.09
C GLY B 146 9.03 1.59 8.92
N LEU B 147 9.53 1.36 7.70
CA LEU B 147 10.44 0.23 7.49
C LEU B 147 11.73 0.42 8.27
N PHE B 148 12.23 1.66 8.35
CA PHE B 148 13.45 1.92 9.10
C PHE B 148 13.33 1.50 10.56
N TYR B 149 12.11 1.53 11.11
CA TYR B 149 11.90 1.13 12.50
C TYR B 149 11.60 -0.35 12.64
N THR B 150 11.05 -1.00 11.60
CA THR B 150 10.91 -2.45 11.62
C THR B 150 12.24 -3.16 11.41
N LEU B 151 13.12 -2.56 10.60
CA LEU B 151 14.40 -3.17 10.30
C LEU B 151 15.56 -2.58 11.09
N GLY B 152 15.41 -1.36 11.60
CA GLY B 152 16.47 -0.76 12.38
C GLY B 152 17.65 -0.31 11.56
N ASN B 153 17.41 0.52 10.55
CA ASN B 153 18.47 1.10 9.72
C ASN B 153 18.73 2.53 10.23
N GLY B 154 19.80 2.69 11.00
CA GLY B 154 20.13 3.99 11.56
C GLY B 154 19.30 4.41 12.76
N VAL B 155 18.33 3.59 13.16
CA VAL B 155 17.57 3.79 14.39
C VAL B 155 17.43 2.44 15.07
N LYS B 156 17.22 2.45 16.38
CA LYS B 156 16.95 1.21 17.09
C LYS B 156 15.58 0.67 16.67
N LYS B 157 15.51 -0.63 16.42
CA LYS B 157 14.29 -1.23 15.90
C LYS B 157 13.15 -1.06 16.89
N ASP B 158 12.12 -0.32 16.46
CA ASP B 158 10.97 0.02 17.29
C ASP B 158 9.73 -0.26 16.45
N VAL B 159 9.12 -1.43 16.65
CA VAL B 159 8.08 -1.87 15.74
C VAL B 159 6.72 -1.26 16.08
N ASN B 160 6.51 -0.83 17.32
CA ASN B 160 5.30 -0.08 17.63
C ASN B 160 5.25 1.21 16.82
N ARG B 161 6.37 1.94 16.79
CA ARG B 161 6.48 3.14 15.97
C ARG B 161 6.37 2.80 14.49
N ALA B 162 7.05 1.74 14.07
CA ALA B 162 7.05 1.34 12.66
C ALA B 162 5.63 1.12 12.14
N VAL B 163 4.82 0.39 12.89
CA VAL B 163 3.46 0.11 12.45
C VAL B 163 2.62 1.37 12.52
N GLN B 164 2.85 2.23 13.53
CA GLN B 164 2.18 3.52 13.57
C GLN B 164 2.33 4.27 12.26
N TYR B 165 3.47 4.09 11.58
CA TYR B 165 3.65 4.68 10.26
C TYR B 165 2.84 3.91 9.20
N TYR B 166 2.79 2.59 9.32
CA TYR B 166 1.96 1.80 8.42
C TYR B 166 0.49 2.19 8.53
N ILE B 167 0.05 2.55 9.74
CA ILE B 167 -1.34 2.96 9.92
C ILE B 167 -1.65 4.20 9.09
N GLY B 169 -0.09 5.46 6.52
CA GLY B 169 -0.04 5.17 5.10
C GLY B 169 -1.25 4.38 4.62
N ALA B 170 -1.77 3.48 5.46
CA ALA B 170 -2.91 2.66 5.06
C ALA B 170 -4.17 3.49 4.89
N GLN B 171 -4.46 4.37 5.85
CA GLN B 171 -5.65 5.22 5.73
C GLN B 171 -5.57 6.14 4.53
N LYS B 172 -4.36 6.47 4.08
CA LYS B 172 -4.17 7.35 2.93
C LYS B 172 -3.97 6.56 1.64
N GLY B 173 -4.32 5.28 1.63
CA GLY B 173 -4.53 4.55 0.40
C GLY B 173 -3.35 3.79 -0.18
N ASP B 174 -2.35 3.46 0.64
CA ASP B 174 -1.15 2.79 0.14
C ASP B 174 -1.31 1.28 0.25
N ALA B 175 -1.18 0.59 -0.89
CA ALA B 175 -1.36 -0.87 -0.91
C ALA B 175 -0.31 -1.56 -0.04
N ARG B 176 0.96 -1.17 -0.18
CA ARG B 176 2.02 -1.81 0.59
C ARG B 176 1.85 -1.53 2.08
N ALA B 177 1.51 -0.28 2.44
CA ALA B 177 1.29 0.05 3.84
C ALA B 177 0.07 -0.68 4.40
N GLN B 178 -0.90 -1.00 3.54
CA GLN B 178 -2.07 -1.73 4.02
C GLN B 178 -1.73 -3.18 4.31
N ALA B 179 -0.85 -3.78 3.50
CA ALA B 179 -0.46 -5.17 3.73
C ALA B 179 0.34 -5.31 5.01
N PHE B 180 1.31 -4.41 5.22
CA PHE B 180 2.07 -4.41 6.47
C PHE B 180 1.15 -4.29 7.68
N LEU B 181 0.09 -3.48 7.56
CA LEU B 181 -0.86 -3.35 8.65
C LEU B 181 -1.67 -4.63 8.84
N GLY B 182 -2.06 -5.28 7.74
CA GLY B 182 -2.66 -6.60 7.86
C GLY B 182 -1.72 -7.61 8.50
N LYS B 183 -0.44 -7.53 8.15
CA LYS B 183 0.56 -8.38 8.81
C LYS B 183 0.64 -8.06 10.30
N ALA B 184 0.69 -6.76 10.64
CA ALA B 184 0.80 -6.37 12.03
C ALA B 184 -0.43 -6.78 12.83
N TYR B 185 -1.61 -6.69 12.23
CA TYR B 185 -2.84 -7.10 12.91
C TYR B 185 -2.94 -8.62 12.99
N ALA B 186 -2.42 -9.34 12.01
CA ALA B 186 -2.43 -10.79 12.05
C ALA B 186 -1.54 -11.32 13.15
N LEU B 187 -0.24 -11.00 13.10
CA LEU B 187 0.72 -11.55 14.04
C LEU B 187 0.70 -10.84 15.40
N GLY B 188 -0.16 -9.83 15.55
CA GLY B 188 -0.11 -9.00 16.74
C GLY B 188 1.26 -8.36 16.89
N ARG B 189 1.91 -8.08 15.76
CA ARG B 189 3.32 -7.66 15.79
C ARG B 189 3.46 -6.29 16.45
N GLY B 190 2.80 -5.28 15.91
CA GLY B 190 2.91 -3.95 16.47
C GLY B 190 1.68 -3.54 17.23
N ILE B 191 0.62 -4.34 17.14
CA ILE B 191 -0.66 -4.05 17.78
C ILE B 191 -1.15 -5.32 18.48
N GLN B 192 -2.03 -5.14 19.45
CA GLN B 192 -2.82 -6.27 19.93
C GLN B 192 -3.70 -6.79 18.78
N PRO B 193 -3.62 -8.07 18.42
CA PRO B 193 -4.21 -8.50 17.14
C PRO B 193 -5.73 -8.47 17.14
N ASP B 194 -6.27 -8.07 15.99
CA ASP B 194 -7.69 -8.20 15.65
C ASP B 194 -7.76 -8.75 14.23
N SER B 195 -8.24 -10.00 14.10
CA SER B 195 -8.26 -10.68 12.81
C SER B 195 -9.36 -10.14 11.90
N GLU B 196 -10.38 -9.50 12.46
CA GLU B 196 -11.35 -8.78 11.63
C GLU B 196 -10.67 -7.63 10.90
N LYS B 197 -9.89 -6.83 11.62
CA LYS B 197 -9.11 -5.77 10.97
C LYS B 197 -8.01 -6.36 10.10
N ALA B 198 -7.34 -7.41 10.59
CA ALA B 198 -6.30 -8.06 9.79
C ALA B 198 -6.86 -8.53 8.46
N LEU B 199 -8.04 -9.14 8.48
CA LEU B 199 -8.68 -9.59 7.24
C LEU B 199 -9.03 -8.41 6.35
N TYR B 200 -9.59 -7.34 6.95
CA TYR B 200 -9.98 -6.16 6.19
C TYR B 200 -8.80 -5.62 5.39
N TRP B 201 -7.73 -5.25 6.08
CA TRP B 201 -6.58 -4.63 5.41
C TRP B 201 -5.95 -5.58 4.41
N TYR B 202 -5.94 -6.88 4.73
CA TYR B 202 -5.48 -7.89 3.79
C TYR B 202 -6.28 -7.83 2.50
N LYS B 203 -7.61 -7.88 2.61
CA LYS B 203 -8.47 -7.78 1.44
C LYS B 203 -8.23 -6.48 0.70
N THR B 204 -8.10 -5.36 1.44
CA THR B 204 -7.94 -4.05 0.81
C THR B 204 -6.65 -3.97 0.02
N ALA B 205 -5.54 -4.40 0.62
CA ALA B 205 -4.27 -4.38 -0.10
C ALA B 205 -4.29 -5.30 -1.32
N ALA B 206 -5.13 -6.34 -1.28
CA ALA B 206 -5.28 -7.20 -2.45
C ALA B 206 -5.99 -6.46 -3.59
N ARG B 207 -7.12 -5.83 -3.27
CA ARG B 207 -7.85 -5.07 -4.28
C ARG B 207 -7.04 -3.89 -4.80
N ASN B 208 -6.10 -3.40 -4.01
CA ASN B 208 -5.22 -2.31 -4.42
C ASN B 208 -3.93 -2.80 -5.09
N GLY B 209 -3.78 -4.11 -5.27
CA GLY B 209 -2.71 -4.65 -6.10
C GLY B 209 -1.47 -5.14 -5.38
N ASN B 210 -1.53 -5.38 -4.08
CA ASN B 210 -0.38 -5.89 -3.34
C ASN B 210 -0.38 -7.41 -3.45
N VAL B 211 0.61 -7.95 -4.17
CA VAL B 211 0.68 -9.38 -4.42
C VAL B 211 0.84 -10.17 -3.14
N ASN B 212 1.42 -9.57 -2.10
CA ASN B 212 1.64 -10.28 -0.84
C ASN B 212 0.31 -10.52 -0.11
N ALA B 213 -0.61 -9.57 -0.17
CA ALA B 213 -1.92 -9.76 0.45
C ALA B 213 -2.74 -10.80 -0.30
N LYS B 215 -1.41 -13.38 -2.33
CA LYS B 215 -0.72 -14.63 -2.03
C LYS B 215 -1.04 -15.11 -0.62
N GLU B 216 -1.05 -14.19 0.35
CA GLU B 216 -1.49 -14.53 1.70
C GLU B 216 -2.93 -15.04 1.70
N LEU B 217 -3.85 -14.22 1.18
CA LEU B 217 -5.27 -14.58 1.19
C LEU B 217 -5.55 -15.86 0.41
N GLY B 218 -4.64 -16.26 -0.49
CA GLY B 218 -4.70 -17.62 -1.00
C GLY B 218 -4.41 -18.62 0.09
N SER B 219 -3.42 -18.32 0.94
CA SER B 219 -3.13 -19.19 2.06
C SER B 219 -4.13 -19.02 3.20
N ILE B 220 -4.73 -17.83 3.37
CA ILE B 220 -5.73 -17.66 4.42
C ILE B 220 -6.98 -18.49 4.09
N TYR B 221 -7.40 -18.52 2.82
CA TYR B 221 -8.64 -19.21 2.48
C TYR B 221 -8.46 -20.71 2.24
N ALA B 222 -7.31 -21.14 1.75
CA ALA B 222 -7.04 -22.58 1.63
C ALA B 222 -7.10 -23.24 3.01
N LYS B 223 -6.31 -22.73 3.94
CA LYS B 223 -6.43 -23.11 5.34
C LYS B 223 -7.69 -22.49 5.93
N GLY B 224 -7.95 -22.79 7.21
CA GLY B 224 -9.04 -22.15 7.90
C GLY B 224 -8.58 -20.91 8.65
N ARG B 225 -7.42 -20.38 8.25
CA ARG B 225 -6.79 -19.30 8.99
C ARG B 225 -7.67 -18.04 9.02
N LEU B 226 -7.67 -17.38 10.19
CA LEU B 226 -8.33 -16.10 10.48
C LEU B 226 -9.81 -16.25 10.80
N GLY B 227 -10.28 -17.48 10.97
CA GLY B 227 -11.69 -17.71 11.21
C GLY B 227 -12.52 -17.83 9.95
N VAL B 228 -11.88 -17.97 8.79
CA VAL B 228 -12.62 -18.21 7.56
C VAL B 228 -12.98 -19.69 7.47
N LYS B 229 -14.23 -19.96 7.17
CA LYS B 229 -14.59 -21.30 6.73
C LYS B 229 -14.02 -21.46 5.33
N PRO B 230 -13.11 -22.41 5.10
CA PRO B 230 -12.38 -22.42 3.83
C PRO B 230 -13.28 -22.59 2.62
N ASP B 231 -13.51 -21.48 1.91
CA ASP B 231 -14.05 -21.53 0.57
C ASP B 231 -12.87 -21.80 -0.37
N GLN B 232 -12.48 -23.08 -0.42
CA GLN B 232 -11.37 -23.47 -1.30
C GLN B 232 -11.63 -23.04 -2.74
N GLN B 233 -12.89 -22.77 -3.08
CA GLN B 233 -13.22 -21.95 -4.24
C GLN B 233 -12.48 -20.62 -4.17
N GLU B 234 -12.80 -19.82 -3.15
CA GLU B 234 -12.14 -18.53 -2.97
C GLU B 234 -10.64 -18.68 -2.85
N ALA B 235 -10.19 -19.78 -2.21
CA ALA B 235 -8.80 -19.97 -1.85
C ALA B 235 -7.86 -19.72 -3.02
N GLN B 236 -7.99 -20.56 -4.05
CA GLN B 236 -7.19 -20.48 -5.25
C GLN B 236 -7.89 -19.63 -6.32
N ARG B 237 -8.54 -18.54 -5.91
CA ARG B 237 -8.76 -17.40 -6.80
C ARG B 237 -7.69 -16.34 -6.62
N TRP B 238 -7.00 -16.36 -5.47
CA TRP B 238 -5.97 -15.38 -5.14
C TRP B 238 -4.58 -15.80 -5.61
N ASN B 239 -4.14 -17.02 -5.27
CA ASN B 239 -2.88 -17.51 -5.82
C ASN B 239 -2.90 -17.51 -7.35
N ASP B 240 -4.07 -17.79 -7.93
CA ASP B 240 -4.26 -17.64 -9.36
C ASP B 240 -4.02 -16.20 -9.81
N ALA B 242 -2.50 -13.84 -7.88
CA ALA B 242 -1.14 -13.47 -7.51
C ALA B 242 -0.12 -13.93 -8.56
N ARG B 243 -0.36 -15.11 -9.14
CA ARG B 243 0.55 -15.64 -10.15
C ARG B 243 0.49 -14.82 -11.43
N LYS B 244 -0.72 -14.55 -11.93
CA LYS B 244 -0.88 -13.74 -13.12
C LYS B 244 -0.35 -12.31 -12.95
N ALA B 245 0.05 -11.91 -11.75
CA ALA B 245 0.57 -10.56 -11.55
C ALA B 245 1.97 -10.39 -12.13
N GLU B 246 2.75 -11.47 -12.20
CA GLU B 246 4.09 -11.43 -12.78
C GLU B 246 4.22 -12.45 -13.91
N ASP C 1 -5.57 10.74 30.16
CA ASP C 1 -4.96 9.63 29.44
C ASP C 1 -3.65 10.07 28.78
N ASN C 2 -2.65 10.38 29.61
CA ASN C 2 -1.39 10.91 29.09
C ASN C 2 -0.56 9.87 28.35
N VAL C 3 -0.87 8.58 28.53
CA VAL C 3 -0.10 7.52 27.87
C VAL C 3 -0.27 7.65 26.37
N GLU C 4 -1.48 7.42 25.85
CA GLU C 4 -1.62 7.39 24.41
C GLU C 4 -1.74 8.79 23.80
N GLU C 5 -2.15 9.78 24.60
CA GLU C 5 -1.93 11.16 24.18
C GLU C 5 -0.44 11.45 24.09
N GLY C 6 0.33 11.00 25.08
CA GLY C 6 1.77 11.14 25.01
C GLY C 6 2.41 10.26 23.95
N ASN C 7 1.76 9.14 23.60
CA ASN C 7 2.22 8.33 22.48
C ASN C 7 2.18 9.12 21.18
N HIS C 8 1.13 9.93 21.00
CA HIS C 8 0.93 10.64 19.74
C HIS C 8 2.06 11.60 19.44
N LEU C 9 2.50 12.36 20.44
CA LEU C 9 3.61 13.28 20.21
C LEU C 9 4.92 12.53 20.02
N TYR C 10 5.06 11.34 20.62
CA TYR C 10 6.25 10.54 20.39
C TYR C 10 6.25 9.92 19.00
N ASN C 11 5.09 9.43 18.56
CA ASN C 11 4.96 8.93 17.19
C ASN C 11 5.23 10.03 16.15
N ALA C 12 5.04 11.29 16.52
CA ALA C 12 5.20 12.41 15.61
C ALA C 12 6.52 13.15 15.82
N GLY C 13 7.47 12.56 16.56
CA GLY C 13 8.78 13.14 16.74
C GLY C 13 8.91 14.13 17.87
N LYS C 14 7.82 14.52 18.51
CA LYS C 14 7.84 15.48 19.62
C LYS C 14 8.31 14.78 20.89
N TYR C 15 9.59 14.40 20.90
CA TYR C 15 10.11 13.50 21.92
C TYR C 15 10.03 14.11 23.30
N GLN C 16 10.61 15.31 23.47
CA GLN C 16 10.56 16.03 24.73
C GLN C 16 9.13 16.39 25.11
N GLU C 17 8.35 16.85 24.13
CA GLU C 17 6.94 17.10 24.36
C GLU C 17 6.23 15.84 24.82
N ALA C 18 6.64 14.67 24.30
CA ALA C 18 5.99 13.42 24.65
C ALA C 18 6.48 12.89 25.99
N LEU C 19 7.69 13.25 26.41
CA LEU C 19 8.23 12.72 27.66
C LEU C 19 7.51 13.33 28.86
N THR C 20 7.15 14.61 28.78
CA THR C 20 6.40 15.25 29.85
C THR C 20 5.10 14.52 30.15
N PHE C 21 4.53 13.85 29.15
CA PHE C 21 3.27 13.14 29.34
C PHE C 21 3.49 11.76 29.96
N PHE C 22 4.54 11.07 29.53
CA PHE C 22 4.85 9.75 30.08
C PHE C 22 5.32 9.86 31.53
N LYS C 24 4.08 11.73 33.66
CA LYS C 24 2.96 12.10 34.51
C LYS C 24 2.38 10.85 35.19
N PRO C 25 2.09 10.92 36.49
CA PRO C 25 1.75 9.72 37.28
C PRO C 25 0.68 8.79 36.71
N ASP C 26 -0.17 9.27 35.78
CA ASP C 26 -1.07 8.33 35.14
C ASP C 26 -0.35 7.39 34.18
N ALA C 27 0.93 7.63 33.92
CA ALA C 27 1.64 6.95 32.84
C ALA C 27 2.96 6.33 33.27
N VAL C 28 3.62 6.92 34.28
CA VAL C 28 5.01 6.57 34.57
C VAL C 28 5.17 5.09 34.88
N ASN C 29 4.14 4.45 35.42
CA ASN C 29 4.23 3.08 35.90
C ASN C 29 3.43 2.11 35.04
N ASN C 30 3.02 2.53 33.85
CA ASN C 30 2.53 1.60 32.83
C ASN C 30 3.74 0.92 32.20
N PRO C 31 3.81 -0.42 32.22
CA PRO C 31 5.04 -1.08 31.75
C PRO C 31 5.40 -0.76 30.31
N ALA C 32 4.42 -0.77 29.41
CA ALA C 32 4.70 -0.43 28.01
C ALA C 32 5.32 0.96 27.89
N THR C 33 4.91 1.88 28.77
CA THR C 33 5.48 3.23 28.75
C THR C 33 6.89 3.24 29.32
N ASN C 35 9.05 0.86 29.41
CA ASN C 35 9.89 0.30 28.37
C ASN C 35 10.23 1.34 27.32
N ARG C 36 9.23 2.14 26.91
CA ARG C 36 9.50 3.21 25.96
C ARG C 36 10.36 4.30 26.57
N ILE C 37 10.18 4.61 27.84
CA ILE C 37 11.01 5.62 28.50
C ILE C 37 12.47 5.20 28.47
N GLY C 38 12.74 3.96 28.84
CA GLY C 38 14.09 3.44 28.73
C GLY C 38 14.61 3.49 27.30
N TYR C 39 13.73 3.25 26.33
CA TYR C 39 14.11 3.37 24.94
C TYR C 39 14.61 4.77 24.60
N TYR C 41 15.82 7.09 26.71
CA TYR C 41 17.12 7.22 27.36
C TYR C 41 18.18 6.42 26.63
N ASP C 42 17.80 5.25 26.10
CA ASP C 42 18.74 4.40 25.37
C ASP C 42 19.24 5.10 24.11
N GLU C 43 18.32 5.63 23.30
CA GLU C 43 18.66 6.22 22.02
C GLU C 43 18.86 7.71 22.08
N GLY C 44 18.73 8.33 23.26
CA GLY C 44 18.81 9.77 23.37
C GLY C 44 17.75 10.44 22.54
N GLN C 45 16.52 9.95 22.63
CA GLN C 45 15.45 10.48 21.79
C GLN C 45 14.96 11.82 22.29
N GLY C 46 14.62 11.91 23.58
CA GLY C 46 14.21 13.19 24.11
C GLY C 46 15.14 13.68 25.20
N VAL C 47 16.37 13.17 25.23
CA VAL C 47 17.24 13.28 26.40
C VAL C 47 18.69 13.09 25.95
N LYS C 48 19.63 13.59 26.77
CA LYS C 48 21.01 13.12 26.79
C LYS C 48 21.09 11.60 26.81
N LYS C 49 21.60 11.03 25.71
CA LYS C 49 21.74 9.58 25.63
C LYS C 49 22.54 9.07 26.81
N ASP C 50 21.87 8.32 27.68
CA ASP C 50 22.48 7.73 28.87
C ASP C 50 22.11 6.25 28.88
N PRO C 51 23.07 5.36 28.62
CA PRO C 51 22.74 3.92 28.68
C PRO C 51 22.23 3.48 30.03
N LYS C 52 22.93 3.84 31.13
CA LYS C 52 22.55 3.34 32.44
C LYS C 52 21.15 3.77 32.85
N GLU C 53 20.68 4.90 32.34
CA GLU C 53 19.30 5.32 32.61
C GLU C 53 18.32 4.36 31.93
N ALA C 54 18.61 3.97 30.68
CA ALA C 54 17.73 3.04 29.97
C ALA C 54 17.58 1.74 30.73
N PHE C 55 18.67 1.24 31.31
CA PHE C 55 18.63 -0.04 32.02
C PHE C 55 17.63 -0.01 33.17
N LYS C 56 17.61 1.08 33.93
CA LYS C 56 16.70 1.16 35.07
C LYS C 56 15.25 1.05 34.62
N TRP C 57 14.89 1.74 33.55
CA TRP C 57 13.51 1.68 33.06
C TRP C 57 13.20 0.34 32.42
N TYR C 58 14.15 -0.20 31.63
CA TYR C 58 13.99 -1.55 31.12
C TYR C 58 13.75 -2.53 32.27
N LYS C 59 14.62 -2.50 33.28
CA LYS C 59 14.50 -3.42 34.41
C LYS C 59 13.16 -3.25 35.12
N LYS C 60 12.67 -2.01 35.25
CA LYS C 60 11.37 -1.80 35.84
C LYS C 60 10.27 -2.42 35.00
N ALA C 61 10.29 -2.14 33.69
CA ALA C 61 9.28 -2.72 32.80
C ALA C 61 9.50 -4.22 32.62
N ALA C 62 10.75 -4.68 32.66
CA ALA C 62 11.01 -6.11 32.55
C ALA C 62 10.49 -6.85 33.77
N ASP C 63 10.83 -6.36 34.96
CA ASP C 63 10.34 -6.97 36.20
C ASP C 63 8.84 -6.87 36.34
N ALA C 64 8.17 -6.11 35.47
CA ALA C 64 6.73 -6.16 35.35
C ALA C 64 6.28 -7.18 34.30
N ASN C 65 7.20 -8.00 33.78
CA ASN C 65 6.85 -9.06 32.84
C ASN C 65 6.21 -8.51 31.57
N LEU C 66 6.85 -7.50 30.99
CA LEU C 66 6.52 -7.04 29.65
C LEU C 66 7.52 -7.69 28.70
N PRO C 67 7.09 -8.57 27.78
CA PRO C 67 8.07 -9.38 27.02
C PRO C 67 9.12 -8.56 26.29
N VAL C 68 8.74 -7.43 25.71
CA VAL C 68 9.71 -6.60 25.00
C VAL C 68 10.78 -6.08 25.96
N ALA C 69 10.35 -5.58 27.13
CA ALA C 69 11.30 -5.09 28.12
C ALA C 69 12.17 -6.21 28.67
N GLN C 70 11.61 -7.39 28.85
CA GLN C 70 12.41 -8.56 29.21
C GLN C 70 13.50 -8.80 28.17
N PHE C 71 13.14 -8.72 26.88
CA PHE C 71 14.11 -8.89 25.81
C PHE C 71 15.17 -7.80 25.85
N ASN C 72 14.73 -6.54 25.88
CA ASN C 72 15.67 -5.41 25.92
C ASN C 72 16.65 -5.55 27.08
N LEU C 73 16.21 -6.10 28.21
CA LEU C 73 17.10 -6.25 29.36
C LEU C 73 18.22 -7.23 29.06
N GLY C 74 17.88 -8.39 28.47
CA GLY C 74 18.91 -9.33 28.07
C GLY C 74 19.91 -8.71 27.12
N LEU C 75 19.44 -7.88 26.19
CA LEU C 75 20.34 -7.16 25.29
C LEU C 75 21.37 -6.35 26.07
N TYR C 77 22.59 -6.74 29.02
CA TYR C 77 23.63 -7.54 29.67
C TYR C 77 24.68 -8.01 28.68
N GLN C 78 24.22 -8.55 27.54
CA GLN C 78 25.11 -9.30 26.66
C GLN C 78 26.03 -8.38 25.87
N HIS C 79 25.65 -7.10 25.74
CA HIS C 79 26.56 -6.05 25.30
C HIS C 79 27.16 -5.28 26.47
N GLY C 80 26.56 -5.37 27.65
CA GLY C 80 27.04 -4.63 28.81
C GLY C 80 26.93 -3.14 28.63
N THR C 81 25.80 -2.66 28.09
CA THR C 81 25.65 -1.25 27.77
C THR C 81 25.25 -0.44 29.00
N GLY C 82 24.20 -0.84 29.69
CA GLY C 82 23.83 -0.24 30.95
C GLY C 82 24.35 -0.96 32.17
N VAL C 83 24.98 -2.13 31.99
CA VAL C 83 25.47 -2.95 33.08
C VAL C 83 26.96 -3.16 32.88
N SER C 84 27.51 -4.19 33.50
CA SER C 84 28.75 -4.82 33.09
C SER C 84 28.40 -6.17 32.50
N LYS C 85 28.98 -6.46 31.32
CA LYS C 85 28.65 -7.65 30.54
C LYS C 85 28.60 -8.90 31.40
N ASP C 86 27.41 -9.53 31.45
CA ASP C 86 27.16 -10.76 32.21
C ASP C 86 26.32 -11.68 31.32
N ILE C 87 26.99 -12.29 30.35
CA ILE C 87 26.26 -12.89 29.21
C ILE C 87 25.27 -13.93 29.67
N ASN C 88 25.65 -14.79 30.62
CA ASN C 88 24.71 -15.81 31.08
C ASN C 88 23.50 -15.24 31.80
N GLU C 89 23.64 -14.05 32.40
CA GLU C 89 22.47 -13.38 32.97
C GLU C 89 21.49 -12.98 31.88
N SER C 90 22.01 -12.59 30.71
CA SER C 90 21.14 -12.17 29.61
C SER C 90 20.28 -13.32 29.10
N ILE C 91 20.79 -14.55 29.17
CA ILE C 91 20.00 -15.71 28.76
C ILE C 91 18.76 -15.84 29.63
N LYS C 92 18.90 -15.54 30.93
CA LYS C 92 17.76 -15.61 31.84
C LYS C 92 16.59 -14.78 31.33
N TRP C 93 16.87 -13.58 30.83
CA TRP C 93 15.80 -12.69 30.38
C TRP C 93 15.27 -13.10 29.03
N PHE C 94 16.16 -13.45 28.10
CA PHE C 94 15.73 -13.86 26.77
C PHE C 94 14.73 -15.01 26.83
N ARG C 95 14.99 -15.98 27.71
CA ARG C 95 14.05 -17.10 27.83
C ARG C 95 12.71 -16.62 28.38
N LYS C 96 12.73 -15.75 29.39
CA LYS C 96 11.47 -15.24 29.93
C LYS C 96 10.66 -14.52 28.86
N ALA C 97 11.33 -13.76 28.00
CA ALA C 97 10.65 -13.07 26.92
C ALA C 97 10.28 -14.01 25.78
N ALA C 98 11.13 -15.00 25.51
CA ALA C 98 10.85 -15.95 24.44
C ALA C 98 9.62 -16.79 24.77
N GLU C 99 9.43 -17.13 26.04
CA GLU C 99 8.30 -17.95 26.42
C GLU C 99 6.97 -17.20 26.36
N GLN C 100 7.01 -15.86 26.38
CA GLN C 100 5.82 -15.06 26.12
C GLN C 100 5.68 -14.68 24.65
N ASN C 101 6.35 -15.43 23.76
CA ASN C 101 6.16 -15.33 22.31
C ASN C 101 6.68 -14.01 21.75
N ASP C 102 7.81 -13.54 22.26
CA ASP C 102 8.48 -12.39 21.66
C ASP C 102 9.36 -12.86 20.51
N PRO C 103 9.08 -12.48 19.26
CA PRO C 103 9.87 -13.01 18.14
C PRO C 103 11.34 -12.69 18.23
N ASP C 104 11.70 -11.48 18.68
CA ASP C 104 13.11 -11.12 18.77
C ASP C 104 13.82 -11.92 19.85
N ALA C 105 13.12 -12.31 20.91
CA ALA C 105 13.72 -13.17 21.93
C ALA C 105 13.83 -14.61 21.44
N GLU C 106 12.75 -15.11 20.83
CA GLU C 106 12.79 -16.45 20.22
C GLU C 106 13.90 -16.54 19.19
N LYS C 108 16.82 -14.73 19.30
CA LYS C 108 18.02 -14.85 20.12
C LYS C 108 18.17 -16.26 20.66
N GLY C 110 17.11 -19.05 19.37
CA GLY C 110 17.62 -19.89 18.30
C GLY C 110 19.11 -19.71 18.09
N TYR C 111 19.57 -18.46 18.10
CA TYR C 111 20.98 -18.18 17.86
C TYR C 111 21.85 -18.72 19.00
N LEU C 112 21.38 -18.60 20.24
CA LEU C 112 22.19 -19.08 21.36
C LEU C 112 22.17 -20.60 21.45
N THR C 113 21.02 -21.22 21.17
CA THR C 113 20.95 -22.69 21.18
C THR C 113 21.75 -23.28 20.02
N ALA C 114 21.85 -22.56 18.91
CA ALA C 114 22.53 -23.09 17.73
C ALA C 114 24.05 -23.05 17.88
N THR C 115 24.59 -21.96 18.43
CA THR C 115 26.03 -21.85 18.63
C THR C 115 26.48 -22.35 20.00
N GLY C 116 25.56 -22.75 20.86
CA GLY C 116 25.93 -23.15 22.21
C GLY C 116 26.56 -22.02 23.01
N THR C 117 26.03 -20.80 22.86
CA THR C 117 26.70 -19.62 23.39
C THR C 117 26.47 -19.47 24.90
N GLY C 118 25.22 -19.60 25.34
CA GLY C 118 24.94 -19.58 26.76
C GLY C 118 24.32 -20.88 27.21
N VAL C 119 23.93 -21.72 26.24
CA VAL C 119 23.19 -22.94 26.47
C VAL C 119 23.94 -24.07 25.78
N LYS C 120 23.64 -25.30 26.19
CA LYS C 120 24.11 -26.48 25.47
C LYS C 120 23.76 -26.38 23.99
N LYS C 121 24.75 -26.62 23.14
CA LYS C 121 24.52 -26.65 21.71
C LYS C 121 23.51 -27.74 21.36
N ASP C 122 22.41 -27.36 20.70
CA ASP C 122 21.35 -28.31 20.34
C ASP C 122 20.72 -27.78 19.05
N TYR C 123 21.18 -28.34 17.92
CA TYR C 123 20.79 -27.82 16.61
C TYR C 123 19.28 -27.90 16.38
N GLN C 124 18.61 -28.91 16.94
CA GLN C 124 17.18 -29.08 16.72
C GLN C 124 16.32 -28.26 17.69
N GLU C 125 16.81 -27.99 18.90
CA GLU C 125 16.10 -27.03 19.74
C GLU C 125 16.17 -25.62 19.14
N ALA C 126 17.27 -25.31 18.47
CA ALA C 126 17.39 -24.01 17.81
C ALA C 126 16.38 -23.87 16.68
N ILE C 127 16.10 -24.96 15.96
CA ILE C 127 15.23 -24.89 14.79
C ILE C 127 13.82 -24.52 15.18
N GLN C 128 13.32 -25.05 16.30
CA GLN C 128 11.96 -24.70 16.70
C GLN C 128 11.88 -23.31 17.32
N TRP C 129 12.96 -22.82 17.94
CA TRP C 129 12.98 -21.42 18.34
C TRP C 129 12.88 -20.52 17.12
N TYR C 130 13.64 -20.83 16.08
CA TYR C 130 13.51 -20.11 14.81
C TYR C 130 12.13 -20.32 14.20
N GLN C 131 11.62 -21.55 14.26
CA GLN C 131 10.29 -21.83 13.71
C GLN C 131 9.22 -21.06 14.46
N ARG C 132 9.35 -20.99 15.79
CA ARG C 132 8.42 -20.19 16.58
C ARG C 132 8.52 -18.72 16.23
N ALA C 133 9.75 -18.21 16.06
CA ALA C 133 9.94 -16.80 15.74
C ALA C 133 9.38 -16.46 14.36
N ALA C 134 9.31 -17.45 13.46
CA ALA C 134 8.79 -17.17 12.12
C ALA C 134 7.28 -17.00 12.13
N GLU C 135 6.57 -17.93 12.79
CA GLU C 135 5.11 -17.80 12.89
C GLU C 135 4.67 -16.71 13.85
N HIS C 136 5.62 -15.93 14.38
CA HIS C 136 5.33 -14.77 15.20
C HIS C 136 5.73 -13.47 14.50
N GLY C 137 6.17 -13.55 13.26
CA GLY C 137 6.40 -12.36 12.47
C GLY C 137 7.84 -11.86 12.42
N ASP C 138 8.79 -12.77 12.27
CA ASP C 138 10.19 -12.40 12.05
C ASP C 138 10.60 -13.02 10.71
N SER C 139 10.57 -12.20 9.66
CA SER C 139 10.88 -12.68 8.31
C SER C 139 12.31 -13.20 8.19
N ALA C 140 13.20 -12.78 9.09
CA ALA C 140 14.59 -13.22 9.02
C ALA C 140 14.78 -14.65 9.52
N ALA C 141 13.83 -15.20 10.26
CA ALA C 141 14.00 -16.54 10.81
C ALA C 141 14.01 -17.60 9.72
N TYR C 142 13.30 -17.37 8.62
CA TYR C 142 13.19 -18.39 7.58
C TYR C 142 14.55 -18.74 6.99
N ALA C 143 15.36 -17.72 6.67
CA ALA C 143 16.67 -17.97 6.10
C ALA C 143 17.59 -18.67 7.09
N GLN C 144 17.38 -18.45 8.39
CA GLN C 144 18.21 -19.12 9.39
C GLN C 144 17.88 -20.61 9.46
N ILE C 145 16.59 -20.97 9.35
CA ILE C 145 16.21 -22.38 9.32
C ILE C 145 16.72 -23.03 8.04
N GLY C 146 16.57 -22.34 6.91
CA GLY C 146 16.99 -22.92 5.64
C GLY C 146 18.47 -23.25 5.61
N LEU C 147 19.29 -22.42 6.26
CA LEU C 147 20.73 -22.67 6.26
C LEU C 147 21.07 -24.01 6.91
N PHE C 148 20.33 -24.39 7.95
CA PHE C 148 20.54 -25.69 8.58
C PHE C 148 20.42 -26.82 7.56
N TYR C 149 19.39 -26.76 6.70
CA TYR C 149 19.21 -27.78 5.68
C TYR C 149 20.14 -27.58 4.49
N THR C 150 20.75 -26.40 4.34
CA THR C 150 21.67 -26.17 3.24
C THR C 150 23.04 -26.78 3.50
N LEU C 151 23.52 -26.72 4.75
CA LEU C 151 24.81 -27.31 5.11
C LEU C 151 24.68 -28.54 5.98
N GLY C 152 23.48 -28.89 6.42
CA GLY C 152 23.28 -30.11 7.17
C GLY C 152 23.86 -30.11 8.57
N ASN C 153 23.52 -29.09 9.37
CA ASN C 153 23.87 -29.07 10.79
C ASN C 153 22.73 -29.73 11.56
N GLY C 154 23.02 -30.84 12.22
CA GLY C 154 22.02 -31.56 12.99
C GLY C 154 20.91 -32.20 12.20
N VAL C 155 20.77 -31.87 10.91
CA VAL C 155 19.82 -32.50 10.01
C VAL C 155 20.59 -32.94 8.78
N LYS C 156 20.01 -33.88 8.04
CA LYS C 156 20.62 -34.26 6.77
C LYS C 156 20.39 -33.16 5.74
N LYS C 157 21.44 -32.82 5.00
CA LYS C 157 21.35 -31.79 3.97
C LYS C 157 20.21 -32.08 3.01
N ASP C 158 19.29 -31.11 2.87
CA ASP C 158 18.11 -31.22 2.02
C ASP C 158 17.94 -29.87 1.32
N VAL C 159 18.75 -29.65 0.29
CA VAL C 159 18.77 -28.37 -0.42
C VAL C 159 17.39 -28.03 -0.98
N ASN C 160 16.61 -29.05 -1.34
CA ASN C 160 15.22 -28.82 -1.75
C ASN C 160 14.44 -28.13 -0.64
N ARG C 161 14.53 -28.66 0.58
CA ARG C 161 13.83 -28.07 1.72
C ARG C 161 14.33 -26.65 2.01
N ALA C 162 15.65 -26.45 1.91
CA ALA C 162 16.24 -25.17 2.31
C ALA C 162 15.76 -24.03 1.41
N VAL C 163 15.72 -24.25 0.10
CA VAL C 163 15.27 -23.22 -0.81
C VAL C 163 13.80 -22.89 -0.58
N GLN C 164 13.02 -23.87 -0.10
CA GLN C 164 11.64 -23.57 0.27
C GLN C 164 11.55 -22.60 1.44
N TYR C 165 12.51 -22.66 2.37
CA TYR C 165 12.55 -21.69 3.46
C TYR C 165 12.94 -20.31 2.93
N TYR C 166 13.98 -20.26 2.10
CA TYR C 166 14.41 -18.98 1.53
C TYR C 166 13.27 -18.30 0.79
N ILE C 167 12.42 -19.08 0.13
CA ILE C 167 11.30 -18.51 -0.61
C ILE C 167 10.44 -17.67 0.33
N GLY C 169 11.19 -16.43 3.26
CA GLY C 169 11.97 -15.29 3.71
C GLY C 169 12.06 -14.19 2.67
N ALA C 170 12.23 -14.57 1.40
CA ALA C 170 12.37 -13.56 0.35
C ALA C 170 11.07 -12.79 0.15
N GLN C 171 9.93 -13.49 0.12
CA GLN C 171 8.67 -12.81 -0.11
C GLN C 171 8.28 -11.92 1.05
N LYS C 172 8.72 -12.25 2.26
CA LYS C 172 8.43 -11.44 3.44
C LYS C 172 9.49 -10.38 3.70
N GLY C 173 10.44 -10.20 2.79
CA GLY C 173 11.31 -9.04 2.78
C GLY C 173 12.70 -9.21 3.37
N ASP C 174 13.16 -10.44 3.58
CA ASP C 174 14.47 -10.67 4.18
C ASP C 174 15.55 -10.59 3.10
N ALA C 175 16.42 -9.58 3.20
CA ALA C 175 17.45 -9.38 2.19
C ALA C 175 18.40 -10.56 2.09
N ARG C 176 18.66 -11.24 3.20
CA ARG C 176 19.53 -12.42 3.16
C ARG C 176 18.87 -13.55 2.39
N ALA C 177 17.60 -13.84 2.69
CA ALA C 177 16.90 -14.92 2.00
C ALA C 177 16.76 -14.62 0.51
N GLN C 178 16.61 -13.33 0.16
CA GLN C 178 16.48 -12.96 -1.24
C GLN C 178 17.75 -13.26 -2.02
N ALA C 179 18.91 -12.98 -1.43
CA ALA C 179 20.17 -13.25 -2.11
C ALA C 179 20.40 -14.75 -2.24
N PHE C 180 20.09 -15.52 -1.20
CA PHE C 180 20.16 -16.97 -1.28
C PHE C 180 19.25 -17.48 -2.40
N LEU C 181 17.99 -17.04 -2.38
CA LEU C 181 17.05 -17.48 -3.40
C LEU C 181 17.44 -16.97 -4.79
N GLY C 182 18.07 -15.79 -4.85
CA GLY C 182 18.59 -15.32 -6.12
C GLY C 182 19.63 -16.24 -6.72
N LYS C 183 20.38 -16.95 -5.85
CA LYS C 183 21.40 -17.87 -6.35
C LYS C 183 20.81 -19.25 -6.67
N ALA C 184 19.82 -19.69 -5.89
CA ALA C 184 19.20 -20.99 -6.15
C ALA C 184 18.58 -21.04 -7.54
N TYR C 185 18.14 -19.90 -8.06
CA TYR C 185 17.69 -19.83 -9.45
C TYR C 185 18.85 -19.76 -10.43
N ALA C 186 19.95 -19.12 -10.02
CA ALA C 186 21.08 -18.90 -10.93
C ALA C 186 21.92 -20.15 -11.14
N LEU C 187 21.83 -21.12 -10.24
CA LEU C 187 22.47 -22.42 -10.42
C LEU C 187 21.47 -23.54 -10.57
N GLY C 188 20.18 -23.27 -10.39
CA GLY C 188 19.21 -24.35 -10.33
C GLY C 188 19.51 -25.34 -9.24
N ARG C 189 19.95 -24.84 -8.08
CA ARG C 189 20.48 -25.73 -7.03
C ARG C 189 19.35 -26.46 -6.30
N GLY C 190 18.59 -25.73 -5.50
CA GLY C 190 17.43 -26.31 -4.85
C GLY C 190 16.12 -26.08 -5.57
N ILE C 191 16.17 -25.64 -6.84
CA ILE C 191 14.98 -25.23 -7.56
C ILE C 191 15.29 -25.28 -9.06
N GLN C 192 14.27 -25.20 -9.91
CA GLN C 192 14.51 -25.26 -11.35
C GLN C 192 15.16 -23.95 -11.81
N PRO C 193 16.27 -24.01 -12.53
CA PRO C 193 17.02 -22.79 -12.85
C PRO C 193 16.20 -21.82 -13.69
N ASP C 194 16.40 -20.52 -13.42
CA ASP C 194 15.63 -19.48 -14.09
C ASP C 194 16.46 -18.19 -14.00
N SER C 195 17.06 -17.80 -15.12
CA SER C 195 17.88 -16.60 -15.14
C SER C 195 17.06 -15.34 -14.82
N GLU C 196 15.79 -15.32 -15.23
CA GLU C 196 14.95 -14.16 -14.98
C GLU C 196 14.67 -13.99 -13.50
N LYS C 197 14.25 -15.06 -12.83
CA LYS C 197 13.91 -14.96 -11.40
C LYS C 197 15.16 -14.74 -10.56
N ALA C 198 16.27 -15.34 -10.95
CA ALA C 198 17.53 -15.09 -10.25
C ALA C 198 17.89 -13.61 -10.27
N LEU C 199 17.83 -12.99 -11.45
CA LEU C 199 18.16 -11.57 -11.55
C LEU C 199 17.18 -10.72 -10.76
N TYR C 200 15.90 -11.10 -10.75
CA TYR C 200 14.90 -10.35 -10.00
C TYR C 200 15.27 -10.30 -8.52
N TRP C 201 15.57 -11.46 -7.92
CA TRP C 201 15.81 -11.50 -6.49
C TRP C 201 17.17 -10.89 -6.14
N TYR C 202 18.16 -11.07 -7.00
CA TYR C 202 19.44 -10.39 -6.81
C TYR C 202 19.24 -8.87 -6.74
N LYS C 203 18.58 -8.31 -7.76
CA LYS C 203 18.32 -6.88 -7.79
C LYS C 203 17.51 -6.44 -6.57
N THR C 204 16.58 -7.28 -6.13
CA THR C 204 15.80 -6.97 -4.93
C THR C 204 16.68 -7.02 -3.68
N ALA C 205 17.47 -8.09 -3.54
CA ALA C 205 18.32 -8.22 -2.36
C ALA C 205 19.34 -7.09 -2.27
N ALA C 206 19.85 -6.64 -3.42
CA ALA C 206 20.77 -5.50 -3.42
C ALA C 206 20.06 -4.24 -2.98
N ARG C 207 18.79 -4.08 -3.35
CA ARG C 207 18.02 -2.91 -2.93
C ARG C 207 17.82 -2.89 -1.43
N ASN C 208 17.58 -4.05 -0.83
CA ASN C 208 17.38 -4.14 0.61
C ASN C 208 18.70 -4.21 1.39
N GLY C 209 19.84 -4.15 0.73
CA GLY C 209 21.11 -3.94 1.38
C GLY C 209 22.10 -5.09 1.37
N ASN C 210 21.73 -6.25 0.82
CA ASN C 210 22.62 -7.40 0.85
C ASN C 210 23.86 -7.13 -0.01
N VAL C 211 25.03 -7.17 0.62
CA VAL C 211 26.27 -6.82 -0.06
C VAL C 211 26.63 -7.84 -1.12
N ASN C 212 26.44 -9.13 -0.81
CA ASN C 212 26.84 -10.18 -1.74
C ASN C 212 26.01 -10.14 -3.02
N ALA C 213 24.71 -9.83 -2.90
CA ALA C 213 23.89 -9.68 -4.10
C ALA C 213 24.31 -8.45 -4.91
N LYS C 215 27.51 -7.22 -5.21
CA LYS C 215 28.69 -7.64 -5.96
C LYS C 215 28.35 -8.70 -6.99
N GLU C 216 27.42 -9.60 -6.66
CA GLU C 216 26.95 -10.56 -7.65
C GLU C 216 26.34 -9.84 -8.84
N LEU C 217 25.61 -8.75 -8.59
CA LEU C 217 25.12 -7.91 -9.68
C LEU C 217 26.28 -7.26 -10.44
N GLY C 218 27.32 -6.85 -9.72
CA GLY C 218 28.46 -6.22 -10.37
C GLY C 218 29.19 -7.13 -11.34
N SER C 219 29.23 -8.43 -11.05
CA SER C 219 29.85 -9.37 -11.96
C SER C 219 28.93 -9.73 -13.12
N ILE C 220 27.62 -9.78 -12.86
CA ILE C 220 26.66 -10.10 -13.92
C ILE C 220 26.75 -9.09 -15.06
N TYR C 221 26.87 -7.80 -14.72
CA TYR C 221 26.93 -6.79 -15.76
C TYR C 221 28.31 -6.65 -16.36
N ALA C 222 29.35 -7.01 -15.60
CA ALA C 222 30.72 -6.99 -16.13
C ALA C 222 30.91 -8.14 -17.11
N LYS C 223 30.88 -9.37 -16.61
CA LYS C 223 31.08 -10.54 -17.48
C LYS C 223 29.97 -10.63 -18.53
N GLY C 224 28.74 -10.29 -18.15
CA GLY C 224 27.62 -10.44 -19.06
C GLY C 224 26.84 -11.71 -18.87
N ARG C 225 26.87 -12.29 -17.67
CA ARG C 225 26.16 -13.53 -17.41
C ARG C 225 24.66 -13.26 -17.30
N LEU C 226 23.89 -14.35 -17.14
CA LEU C 226 22.45 -14.31 -16.92
C LEU C 226 21.70 -13.56 -18.01
N GLY C 227 22.28 -13.47 -19.21
CA GLY C 227 21.56 -12.91 -20.33
C GLY C 227 21.43 -11.40 -20.36
N VAL C 228 22.24 -10.69 -19.57
CA VAL C 228 22.28 -9.23 -19.66
C VAL C 228 23.40 -8.84 -20.62
N LYS C 229 23.12 -7.88 -21.49
CA LYS C 229 24.18 -7.34 -22.33
C LYS C 229 25.20 -6.63 -21.45
N PRO C 230 26.49 -6.92 -21.60
CA PRO C 230 27.48 -6.35 -20.68
C PRO C 230 27.39 -4.83 -20.62
N ASP C 231 27.24 -4.32 -19.40
CA ASP C 231 27.15 -2.88 -19.14
C ASP C 231 28.26 -2.55 -18.15
N GLN C 232 29.49 -2.40 -18.66
CA GLN C 232 30.61 -2.05 -17.82
C GLN C 232 30.34 -0.74 -17.08
N GLN C 233 29.66 0.20 -17.73
CA GLN C 233 29.23 1.42 -17.06
C GLN C 233 28.44 1.09 -15.80
N GLU C 234 27.50 0.14 -15.93
CA GLU C 234 26.61 -0.21 -14.83
C GLU C 234 27.30 -1.13 -13.82
N ALA C 235 28.03 -2.13 -14.29
CA ALA C 235 28.73 -3.03 -13.37
C ALA C 235 29.62 -2.25 -12.42
N GLN C 236 30.31 -1.22 -12.92
CA GLN C 236 31.18 -0.42 -12.07
C GLN C 236 30.41 0.24 -10.93
N ARG C 237 29.13 0.54 -11.13
CA ARG C 237 28.34 1.13 -10.06
C ARG C 237 28.14 0.14 -8.91
N TRP C 238 27.79 -1.10 -9.24
CA TRP C 238 27.44 -2.08 -8.21
C TRP C 238 28.63 -2.41 -7.32
N ASN C 239 29.80 -2.65 -7.93
CA ASN C 239 31.00 -2.93 -7.14
C ASN C 239 31.34 -1.73 -6.25
N ASP C 240 31.30 -0.53 -6.82
CA ASP C 240 31.55 0.68 -6.03
C ASP C 240 30.53 0.82 -4.91
N ALA C 242 29.00 -1.69 -3.52
CA ALA C 242 29.30 -2.76 -2.57
C ALA C 242 30.56 -2.46 -1.76
N ARG C 243 31.53 -1.76 -2.35
CA ARG C 243 32.77 -1.53 -1.63
C ARG C 243 32.63 -0.45 -0.57
N LYS C 244 31.66 0.45 -0.70
CA LYS C 244 31.33 1.36 0.40
C LYS C 244 30.33 0.75 1.38
N ALA C 245 29.67 -0.35 1.02
CA ALA C 245 28.72 -0.98 1.91
C ALA C 245 29.41 -1.81 3.00
N GLU C 246 30.69 -2.10 2.83
CA GLU C 246 31.45 -2.88 3.80
C GLU C 246 32.54 -2.01 4.45
#